data_4H5I
#
_entry.id   4H5I
#
_cell.length_a   53.400
_cell.length_b   53.474
_cell.length_c   61.976
_cell.angle_alpha   81.680
_cell.angle_beta   73.370
_cell.angle_gamma   87.580
#
_symmetry.space_group_name_H-M   'P 1'
#
loop_
_entity.id
_entity.type
_entity.pdbx_description
1 polymer 'Guanine nucleotide-exchange factor SEC12'
2 non-polymer 'POTASSIUM ION'
3 water water
#
_entity_poly.entity_id   1
_entity_poly.type   'polypeptide(L)'
_entity_poly.pdbx_seq_one_letter_code
;(MSE)AS(MSE)KFVTASYNVGYPAYGAKFLNNDTLLVAGGGGEGNNGIPNKLTVLRVDPTKDTEKEQFHILSEFALEDN
DDSPTAIDASKGIILVGCNENSTKITQGKGNKHLRKFKYDKVNDQLEFLTSVDFDASTNADDYTKLVYISREGTVAAIAS
SKVPAI(MSE)RIIDPSDLTEKFEIETRGEVKDLHFSTDGKVVAYITGSSLEVISTVTGSCIARKTDFDKNWSLSKINFI
ADDTVLIAASLKKGKGIVLTKISIKSGNTSVLRSKQVTNRFKGITS(MSE)DVD(MSE)KGELAVLASNDNSIALVKLKD
LS(MSE)SKIFKQAHSFAITEVTISPDSTYVASVSAANTIHIIKLPLNYANYTS(MSE)KQKISKLEHHHHHH
;
_entity_poly.pdbx_strand_id   A,B
#
loop_
_chem_comp.id
_chem_comp.type
_chem_comp.name
_chem_comp.formula
K non-polymer 'POTASSIUM ION' 'K 1'
#
# COMPACT_ATOMS: atom_id res chain seq x y z
N MSE A 4 -18.23 -16.96 18.69
CA MSE A 4 -17.86 -15.91 17.75
C MSE A 4 -17.53 -16.43 16.36
O MSE A 4 -16.70 -17.32 16.20
CB MSE A 4 -16.69 -15.09 18.26
CG MSE A 4 -16.03 -14.30 17.16
SE MSE A 4 -14.96 -12.83 17.78
CE MSE A 4 -14.35 -12.24 16.06
N LYS A 5 -18.17 -15.84 15.35
CA LYS A 5 -18.05 -16.31 13.98
C LYS A 5 -16.99 -15.51 13.22
N PHE A 6 -16.21 -16.20 12.39
CA PHE A 6 -15.30 -15.55 11.47
C PHE A 6 -15.64 -15.90 10.04
N VAL A 7 -15.56 -14.90 9.18
CA VAL A 7 -15.67 -15.14 7.74
C VAL A 7 -14.37 -15.82 7.27
N THR A 8 -14.54 -16.96 6.60
CA THR A 8 -13.39 -17.67 6.01
C THR A 8 -13.71 -18.10 4.59
N ALA A 9 -12.67 -18.41 3.83
CA ALA A 9 -12.83 -18.93 2.48
C ALA A 9 -11.59 -19.76 2.14
N SER A 10 -11.72 -20.69 1.21
CA SER A 10 -10.62 -21.54 0.78
C SER A 10 -10.62 -21.70 -0.73
N TYR A 11 -9.46 -21.99 -1.31
CA TYR A 11 -9.28 -22.08 -2.75
C TYR A 11 -8.15 -23.06 -3.03
N ASN A 12 -8.31 -23.90 -4.04
CA ASN A 12 -7.22 -24.75 -4.50
C ASN A 12 -6.53 -24.08 -5.68
N VAL A 13 -5.26 -23.75 -5.47
CA VAL A 13 -4.50 -22.97 -6.44
C VAL A 13 -3.92 -23.85 -7.57
N GLY A 14 -4.00 -25.17 -7.43
CA GLY A 14 -3.60 -26.06 -8.51
C GLY A 14 -2.20 -26.65 -8.40
N TYR A 15 -1.45 -26.31 -7.35
CA TYR A 15 -0.10 -26.84 -7.17
C TYR A 15 0.20 -26.73 -5.68
N PRO A 16 1.14 -27.55 -5.19
CA PRO A 16 1.56 -27.44 -3.78
C PRO A 16 2.14 -26.06 -3.48
N ALA A 17 1.61 -25.38 -2.47
CA ALA A 17 2.04 -24.02 -2.15
C ALA A 17 3.01 -24.04 -0.98
N TYR A 18 4.13 -23.36 -1.13
CA TYR A 18 5.18 -23.38 -0.13
C TYR A 18 5.45 -22.03 0.49
N GLY A 19 4.92 -20.96 -0.09
CA GLY A 19 5.15 -19.62 0.46
C GLY A 19 4.01 -18.68 0.12
N ALA A 20 3.80 -17.66 0.94
CA ALA A 20 2.76 -16.68 0.70
C ALA A 20 3.07 -15.39 1.42
N LYS A 21 2.73 -14.25 0.81
CA LYS A 21 2.98 -12.95 1.40
C LYS A 21 1.96 -11.96 0.82
N PHE A 22 1.37 -11.15 1.69
CA PHE A 22 0.55 -10.05 1.19
C PHE A 22 1.40 -8.95 0.58
N LEU A 23 1.07 -8.52 -0.63
CA LEU A 23 1.73 -7.37 -1.28
C LEU A 23 1.08 -6.03 -0.91
N ASN A 24 -0.18 -6.07 -0.45
CA ASN A 24 -0.89 -4.91 0.07
C ASN A 24 -2.12 -5.44 0.79
N ASN A 25 -3.08 -4.58 1.12
CA ASN A 25 -4.15 -4.96 2.02
C ASN A 25 -4.98 -6.12 1.51
N ASP A 26 -5.12 -6.27 0.19
CA ASP A 26 -5.95 -7.37 -0.32
C ASP A 26 -5.35 -8.19 -1.46
N THR A 27 -4.05 -8.04 -1.67
CA THR A 27 -3.37 -8.72 -2.76
C THR A 27 -2.37 -9.71 -2.18
N LEU A 28 -2.52 -10.97 -2.55
CA LEU A 28 -1.73 -12.06 -1.98
C LEU A 28 -0.84 -12.67 -3.04
N LEU A 29 0.44 -12.82 -2.69
CA LEU A 29 1.40 -13.54 -3.53
C LEU A 29 1.55 -14.95 -2.97
N VAL A 30 1.38 -15.96 -3.82
CA VAL A 30 1.57 -17.35 -3.47
C VAL A 30 2.65 -17.94 -4.37
N ALA A 31 3.49 -18.80 -3.81
CA ALA A 31 4.53 -19.46 -4.61
C ALA A 31 4.57 -20.94 -4.31
N GLY A 32 4.81 -21.76 -5.34
CA GLY A 32 4.94 -23.18 -5.13
C GLY A 32 5.03 -23.89 -6.44
N GLY A 33 4.81 -25.19 -6.41
CA GLY A 33 4.82 -25.91 -7.67
C GLY A 33 4.89 -27.41 -7.49
N GLY A 34 4.76 -28.08 -8.64
CA GLY A 34 4.91 -29.52 -8.71
C GLY A 34 6.32 -30.04 -8.65
N GLY A 35 7.34 -29.17 -8.64
CA GLY A 35 8.71 -29.61 -8.63
C GLY A 35 9.18 -30.00 -10.01
N GLU A 36 10.36 -30.63 -10.04
CA GLU A 36 11.06 -30.77 -11.30
C GLU A 36 10.63 -31.93 -12.17
N GLY A 37 9.84 -32.84 -11.61
CA GLY A 37 9.42 -34.01 -12.38
C GLY A 37 8.53 -33.68 -13.56
N ASN A 38 8.49 -34.61 -14.51
CA ASN A 38 7.67 -34.47 -15.70
C ASN A 38 6.22 -34.85 -15.38
N ASN A 39 5.62 -34.10 -14.46
CA ASN A 39 4.31 -34.44 -13.93
C ASN A 39 3.22 -33.52 -14.48
N GLY A 40 3.61 -32.50 -15.25
CA GLY A 40 2.67 -31.52 -15.77
C GLY A 40 2.10 -30.57 -14.73
N ILE A 41 2.61 -30.61 -13.50
CA ILE A 41 2.16 -29.72 -12.44
C ILE A 41 3.13 -28.55 -12.42
N PRO A 42 2.64 -27.33 -12.69
CA PRO A 42 3.58 -26.23 -12.96
C PRO A 42 4.23 -25.74 -11.68
N ASN A 43 5.28 -24.96 -11.89
CA ASN A 43 5.93 -24.22 -10.82
C ASN A 43 5.62 -22.75 -11.07
N LYS A 44 5.01 -22.08 -10.09
CA LYS A 44 4.40 -20.78 -10.33
C LYS A 44 4.54 -19.81 -9.19
N LEU A 45 4.48 -18.53 -9.56
CA LEU A 45 4.11 -17.46 -8.63
C LEU A 45 2.73 -17.01 -9.06
N THR A 46 1.82 -16.80 -8.11
CA THR A 46 0.44 -16.41 -8.40
C THR A 46 0.10 -15.21 -7.56
N VAL A 47 -0.47 -14.17 -8.18
CA VAL A 47 -0.94 -13.02 -7.42
C VAL A 47 -2.44 -12.99 -7.49
N LEU A 48 -3.09 -12.94 -6.32
CA LEU A 48 -4.56 -12.99 -6.23
C LEU A 48 -5.10 -11.79 -5.47
N ARG A 49 -6.25 -11.29 -5.87
CA ARG A 49 -6.98 -10.34 -5.03
C ARG A 49 -7.97 -11.13 -4.23
N VAL A 50 -7.94 -10.95 -2.92
CA VAL A 50 -8.79 -11.73 -2.06
C VAL A 50 -9.91 -10.91 -1.45
N ASP A 51 -11.09 -11.53 -1.49
CA ASP A 51 -12.25 -11.00 -0.78
C ASP A 51 -13.13 -12.17 -0.41
N PRO A 52 -13.02 -12.67 0.83
CA PRO A 52 -13.72 -13.90 1.21
C PRO A 52 -15.23 -13.69 1.39
N THR A 53 -15.70 -12.45 1.26
CA THR A 53 -17.13 -12.16 1.40
C THR A 53 -17.88 -12.35 0.10
N LYS A 54 -17.20 -12.62 -1.00
CA LYS A 54 -17.88 -12.78 -2.26
C LYS A 54 -18.56 -14.14 -2.37
N ASP A 55 -19.42 -14.27 -3.38
CA ASP A 55 -20.34 -15.40 -3.50
C ASP A 55 -19.72 -16.71 -4.00
N THR A 56 -18.69 -16.58 -4.85
CA THR A 56 -18.10 -17.77 -5.46
C THR A 56 -16.59 -17.76 -5.27
N GLU A 57 -15.98 -18.94 -5.27
CA GLU A 57 -14.54 -19.04 -5.12
C GLU A 57 -13.77 -18.20 -6.13
N LYS A 58 -14.24 -18.13 -7.37
CA LYS A 58 -13.54 -17.35 -8.40
C LYS A 58 -13.62 -15.84 -8.12
N GLU A 59 -14.66 -15.41 -7.42
CA GLU A 59 -14.79 -14.01 -7.04
C GLU A 59 -14.01 -13.76 -5.77
N GLN A 60 -13.97 -14.77 -4.90
CA GLN A 60 -13.25 -14.66 -3.63
C GLN A 60 -11.74 -14.65 -3.82
N PHE A 61 -11.28 -15.37 -4.84
CA PHE A 61 -9.86 -15.52 -5.14
C PHE A 61 -9.66 -15.18 -6.60
N HIS A 62 -9.52 -13.91 -6.91
CA HIS A 62 -9.43 -13.48 -8.29
C HIS A 62 -7.97 -13.45 -8.71
N ILE A 63 -7.61 -14.31 -9.65
CA ILE A 63 -6.21 -14.38 -10.10
C ILE A 63 -5.88 -13.16 -10.95
N LEU A 64 -4.90 -12.39 -10.51
CA LEU A 64 -4.52 -11.16 -11.19
C LEU A 64 -3.39 -11.43 -12.17
N SER A 65 -2.44 -12.27 -11.77
CA SER A 65 -1.26 -12.51 -12.57
C SER A 65 -0.69 -13.86 -12.18
N GLU A 66 -0.08 -14.57 -13.11
CA GLU A 66 0.71 -15.75 -12.76
C GLU A 66 2.00 -15.73 -13.56
N PHE A 67 3.09 -16.13 -12.91
CA PHE A 67 4.37 -16.25 -13.60
C PHE A 67 4.76 -17.72 -13.60
N ALA A 68 4.95 -18.28 -14.80
CA ALA A 68 5.38 -19.67 -14.91
C ALA A 68 6.88 -19.77 -14.78
N LEU A 69 7.33 -20.40 -13.71
CA LEU A 69 8.74 -20.79 -13.56
C LEU A 69 8.97 -22.02 -14.45
N GLU A 70 10.21 -22.50 -14.51
CA GLU A 70 10.48 -23.63 -15.40
C GLU A 70 9.76 -24.89 -14.96
N ASP A 71 9.22 -25.65 -15.92
CA ASP A 71 8.52 -26.89 -15.56
C ASP A 71 9.43 -27.88 -14.86
N ASN A 72 10.72 -27.84 -15.18
CA ASN A 72 11.65 -28.82 -14.66
C ASN A 72 12.67 -28.17 -13.69
N ASP A 73 12.34 -26.95 -13.24
CA ASP A 73 12.90 -26.27 -12.04
C ASP A 73 12.36 -27.05 -10.83
N ASP A 74 13.01 -26.92 -9.66
CA ASP A 74 12.38 -27.31 -8.40
C ASP A 74 11.23 -26.34 -8.13
N SER A 75 10.38 -26.69 -7.19
CA SER A 75 9.35 -25.75 -6.73
C SER A 75 9.99 -24.74 -5.75
N PRO A 76 9.46 -23.50 -5.73
CA PRO A 76 9.95 -22.53 -4.74
C PRO A 76 9.80 -23.04 -3.31
N THR A 77 10.73 -22.66 -2.44
CA THR A 77 10.70 -23.09 -1.05
C THR A 77 10.46 -21.94 -0.06
N ALA A 78 10.70 -20.71 -0.47
CA ALA A 78 10.57 -19.57 0.46
C ALA A 78 10.47 -18.31 -0.35
N ILE A 79 9.70 -17.34 0.14
CA ILE A 79 9.59 -16.04 -0.49
C ILE A 79 9.47 -14.94 0.54
N ASP A 80 9.78 -13.71 0.13
CA ASP A 80 9.36 -12.54 0.89
C ASP A 80 9.20 -11.36 -0.05
N ALA A 81 8.55 -10.29 0.43
CA ALA A 81 8.34 -9.12 -0.38
C ALA A 81 8.33 -7.89 0.51
N SER A 82 8.98 -6.84 0.05
CA SER A 82 8.98 -5.56 0.73
C SER A 82 9.31 -4.47 -0.27
N LYS A 83 8.56 -3.38 -0.20
CA LYS A 83 8.84 -2.18 -1.02
C LYS A 83 8.93 -2.49 -2.51
N GLY A 84 8.07 -3.41 -2.95
CA GLY A 84 8.03 -3.77 -4.35
C GLY A 84 8.97 -4.92 -4.74
N ILE A 85 9.95 -5.22 -3.90
CA ILE A 85 10.89 -6.29 -4.21
C ILE A 85 10.33 -7.63 -3.77
N ILE A 86 10.28 -8.58 -4.68
CA ILE A 86 9.92 -9.96 -4.33
C ILE A 86 11.17 -10.82 -4.46
N LEU A 87 11.51 -11.56 -3.41
CA LEU A 87 12.62 -12.51 -3.45
C LEU A 87 12.09 -13.91 -3.31
N VAL A 88 12.55 -14.79 -4.18
CA VAL A 88 12.07 -16.16 -4.20
C VAL A 88 13.26 -17.10 -4.15
N GLY A 89 13.22 -18.04 -3.22
CA GLY A 89 14.20 -19.14 -3.19
C GLY A 89 13.65 -20.29 -4.02
N CYS A 90 14.38 -20.69 -5.05
CA CYS A 90 13.95 -21.76 -5.95
C CYS A 90 15.12 -22.38 -6.68
N ASN A 91 15.34 -23.67 -6.41
CA ASN A 91 16.44 -24.39 -7.07
C ASN A 91 16.17 -24.61 -8.54
N GLU A 92 17.25 -24.64 -9.32
CA GLU A 92 17.17 -25.10 -10.69
C GLU A 92 17.09 -26.61 -10.71
N ASN A 93 16.93 -27.16 -11.91
CA ASN A 93 16.90 -28.59 -12.09
C ASN A 93 18.06 -29.32 -11.38
N SER A 94 17.74 -30.44 -10.75
CA SER A 94 18.71 -31.18 -9.94
C SER A 94 19.91 -31.70 -10.72
N THR A 95 19.70 -32.06 -11.98
CA THR A 95 20.79 -32.58 -12.81
C THR A 95 21.80 -31.47 -13.06
N LYS A 96 21.29 -30.28 -13.37
CA LYS A 96 22.12 -29.11 -13.55
C LYS A 96 22.93 -28.75 -12.29
N ILE A 97 22.28 -28.81 -11.14
CA ILE A 97 22.94 -28.51 -9.89
C ILE A 97 24.08 -29.49 -9.65
N THR A 98 23.77 -30.78 -9.77
CA THR A 98 24.74 -31.83 -9.51
C THR A 98 25.92 -31.81 -10.48
N GLN A 99 25.69 -31.46 -11.73
CA GLN A 99 26.76 -31.36 -12.72
C GLN A 99 27.65 -30.15 -12.50
N GLY A 100 27.22 -29.20 -11.68
CA GLY A 100 28.00 -27.99 -11.47
C GLY A 100 27.74 -26.88 -12.45
N LYS A 101 26.62 -26.96 -13.17
CA LYS A 101 26.30 -25.93 -14.17
C LYS A 101 25.84 -24.64 -13.53
N GLY A 102 25.58 -24.66 -12.23
CA GLY A 102 25.16 -23.46 -11.53
C GLY A 102 23.71 -23.55 -11.10
N ASN A 103 23.42 -22.84 -10.02
CA ASN A 103 22.11 -22.89 -9.40
C ASN A 103 21.70 -21.50 -8.97
N LYS A 104 21.04 -20.77 -9.87
CA LYS A 104 20.61 -19.41 -9.56
C LYS A 104 19.31 -19.48 -8.74
N HIS A 105 19.50 -19.72 -7.45
CA HIS A 105 18.45 -20.15 -6.54
C HIS A 105 17.82 -19.00 -5.80
N LEU A 106 18.35 -17.81 -5.91
CA LEU A 106 17.71 -16.65 -5.28
C LEU A 106 17.33 -15.69 -6.38
N ARG A 107 16.02 -15.46 -6.55
CA ARG A 107 15.52 -14.74 -7.71
C ARG A 107 14.76 -13.49 -7.30
N LYS A 108 14.95 -12.40 -8.04
CA LYS A 108 14.30 -11.12 -7.77
C LYS A 108 13.22 -10.89 -8.80
N PHE A 109 12.01 -10.60 -8.33
CA PHE A 109 10.86 -10.31 -9.16
C PHE A 109 10.26 -8.98 -8.72
N LYS A 110 9.38 -8.43 -9.57
CA LYS A 110 8.45 -7.39 -9.17
C LYS A 110 7.03 -7.69 -9.67
N TYR A 111 6.04 -7.04 -9.05
CA TYR A 111 4.67 -7.11 -9.50
C TYR A 111 4.25 -5.68 -9.89
N ASP A 112 3.82 -5.55 -11.13
CA ASP A 112 3.35 -4.27 -11.63
C ASP A 112 1.84 -4.11 -11.39
N LYS A 113 1.50 -3.33 -10.37
CA LYS A 113 0.14 -3.06 -9.91
C LYS A 113 -0.75 -2.46 -11.00
N VAL A 114 -0.16 -1.54 -11.76
CA VAL A 114 -0.90 -0.78 -12.77
C VAL A 114 -1.54 -1.69 -13.81
N ASN A 115 -0.86 -2.81 -14.04
CA ASN A 115 -0.99 -3.65 -15.21
C ASN A 115 -1.27 -5.11 -14.87
N ASP A 116 -1.17 -5.44 -13.59
CA ASP A 116 -1.20 -6.83 -13.14
C ASP A 116 -0.21 -7.76 -13.86
N GLN A 117 1.07 -7.37 -13.85
CA GLN A 117 2.12 -8.15 -14.49
C GLN A 117 3.24 -8.47 -13.48
N LEU A 118 3.63 -9.74 -13.41
CA LEU A 118 4.82 -10.15 -12.68
C LEU A 118 5.99 -10.15 -13.65
N GLU A 119 7.13 -9.68 -13.18
CA GLU A 119 8.32 -9.64 -14.05
C GLU A 119 9.55 -10.16 -13.31
N PHE A 120 10.30 -11.04 -13.98
CA PHE A 120 11.56 -11.51 -13.48
C PHE A 120 12.63 -10.44 -13.75
N LEU A 121 13.43 -10.13 -12.74
CA LEU A 121 14.43 -9.05 -12.83
C LEU A 121 15.84 -9.59 -12.91
N THR A 122 16.25 -10.44 -11.96
CA THR A 122 17.60 -11.00 -11.95
C THR A 122 17.65 -12.17 -10.97
N SER A 123 18.72 -12.92 -11.00
CA SER A 123 18.91 -14.01 -10.05
C SER A 123 20.39 -14.27 -9.84
N VAL A 124 20.71 -14.91 -8.73
CA VAL A 124 22.11 -15.18 -8.34
C VAL A 124 22.21 -16.54 -7.67
N ASP A 125 23.36 -17.19 -7.85
CA ASP A 125 23.72 -18.39 -7.12
C ASP A 125 24.61 -17.92 -5.95
N PHE A 126 24.04 -17.86 -4.75
CA PHE A 126 24.80 -17.47 -3.56
C PHE A 126 25.58 -18.61 -2.95
N ASP A 127 24.98 -19.79 -2.86
CA ASP A 127 25.55 -20.91 -2.13
C ASP A 127 26.64 -21.68 -2.89
N ALA A 128 26.60 -21.62 -4.23
CA ALA A 128 27.52 -22.38 -5.06
C ALA A 128 27.48 -23.88 -4.73
N SER A 129 26.29 -24.38 -4.44
CA SER A 129 26.12 -25.75 -4.02
C SER A 129 26.03 -26.69 -5.22
N THR A 130 26.58 -27.90 -5.09
CA THR A 130 26.31 -28.92 -6.10
C THR A 130 25.49 -30.08 -5.54
N ASN A 131 24.86 -29.83 -4.40
CA ASN A 131 24.03 -30.84 -3.76
C ASN A 131 22.57 -30.43 -3.90
N ALA A 132 21.84 -31.13 -4.75
CA ALA A 132 20.45 -30.75 -5.05
C ALA A 132 19.53 -31.01 -3.87
N ASP A 133 19.99 -31.71 -2.85
CA ASP A 133 19.20 -31.91 -1.65
C ASP A 133 19.13 -30.66 -0.78
N ASP A 134 20.06 -29.73 -0.99
CA ASP A 134 20.07 -28.51 -0.19
C ASP A 134 19.20 -27.46 -0.88
N TYR A 135 18.42 -26.74 -0.08
CA TYR A 135 17.50 -25.75 -0.63
C TYR A 135 17.51 -24.49 0.21
N THR A 136 16.87 -23.44 -0.31
CA THR A 136 16.84 -22.17 0.40
C THR A 136 15.65 -22.18 1.36
N LYS A 137 15.97 -22.35 2.65
CA LYS A 137 14.94 -22.57 3.67
C LYS A 137 14.28 -21.30 4.15
N LEU A 138 15.06 -20.23 4.29
CA LEU A 138 14.56 -18.97 4.84
C LEU A 138 14.91 -17.83 3.89
N VAL A 139 13.92 -16.98 3.60
CA VAL A 139 14.12 -15.75 2.86
C VAL A 139 13.33 -14.65 3.54
N TYR A 140 14.01 -13.58 3.95
CA TYR A 140 13.37 -12.42 4.57
C TYR A 140 14.00 -11.14 4.06
N ILE A 141 13.16 -10.14 3.86
CA ILE A 141 13.60 -8.78 3.53
C ILE A 141 13.17 -7.82 4.63
N SER A 142 13.97 -6.80 4.89
CA SER A 142 13.60 -5.82 5.92
C SER A 142 12.44 -4.96 5.45
N ARG A 143 11.78 -4.31 6.40
CA ARG A 143 10.66 -3.44 6.09
C ARG A 143 11.02 -2.32 5.11
N GLU A 144 12.22 -1.74 5.26
CA GLU A 144 12.63 -0.67 4.34
C GLU A 144 13.14 -1.17 2.99
N GLY A 145 13.37 -2.48 2.89
CA GLY A 145 13.70 -3.08 1.61
C GLY A 145 15.13 -2.89 1.17
N THR A 146 16.03 -2.56 2.09
CA THR A 146 17.43 -2.34 1.71
C THR A 146 18.39 -3.42 2.21
N VAL A 147 17.86 -4.41 2.93
CA VAL A 147 18.68 -5.55 3.34
C VAL A 147 17.79 -6.79 3.38
N ALA A 148 18.39 -7.96 3.15
CA ALA A 148 17.66 -9.21 3.20
C ALA A 148 18.58 -10.29 3.73
N ALA A 149 18.00 -11.43 4.12
CA ALA A 149 18.78 -12.55 4.62
C ALA A 149 18.22 -13.84 4.09
N ILE A 150 19.12 -14.76 3.75
CA ILE A 150 18.70 -16.08 3.34
C ILE A 150 19.50 -17.11 4.11
N ALA A 151 18.95 -18.31 4.21
CA ALA A 151 19.70 -19.40 4.84
C ALA A 151 19.29 -20.70 4.16
N SER A 152 20.26 -21.54 3.84
CA SER A 152 19.96 -22.81 3.21
C SER A 152 19.60 -23.87 4.25
N SER A 153 19.19 -25.02 3.75
CA SER A 153 18.76 -26.11 4.60
C SER A 153 19.94 -26.90 5.15
N LYS A 154 21.12 -26.68 4.57
CA LYS A 154 22.34 -27.38 4.99
C LYS A 154 22.69 -27.07 6.44
N VAL A 155 23.11 -28.10 7.18
CA VAL A 155 23.60 -27.94 8.55
C VAL A 155 25.04 -28.45 8.64
N PRO A 156 25.95 -27.66 9.22
CA PRO A 156 25.77 -26.35 9.87
C PRO A 156 25.42 -25.23 8.88
N ALA A 157 24.52 -24.36 9.30
CA ALA A 157 23.95 -23.38 8.40
C ALA A 157 24.83 -22.16 8.24
N ILE A 158 24.75 -21.58 7.05
CA ILE A 158 25.32 -20.30 6.77
C ILE A 158 24.15 -19.35 6.51
N MSE A 159 24.15 -18.21 7.19
CA MSE A 159 23.15 -17.17 6.94
C MSE A 159 23.84 -16.08 6.14
O MSE A 159 24.90 -15.59 6.52
CB MSE A 159 22.58 -16.59 8.24
CG MSE A 159 21.62 -15.41 8.04
SE MSE A 159 20.95 -14.65 9.67
CE MSE A 159 22.61 -13.94 10.36
N ARG A 160 23.26 -15.73 5.00
CA ARG A 160 23.82 -14.71 4.13
C ARG A 160 22.99 -13.44 4.24
N ILE A 161 23.65 -12.33 4.52
CA ILE A 161 23.02 -11.02 4.53
C ILE A 161 23.32 -10.36 3.19
N ILE A 162 22.28 -9.91 2.50
CA ILE A 162 22.40 -9.53 1.11
C ILE A 162 21.72 -8.18 0.86
N ASP A 163 22.06 -7.55 -0.26
CA ASP A 163 21.38 -6.35 -0.73
C ASP A 163 20.33 -6.81 -1.74
N PRO A 164 19.05 -6.56 -1.46
CA PRO A 164 18.02 -7.12 -2.34
C PRO A 164 17.87 -6.33 -3.65
N SER A 165 18.50 -5.18 -3.79
CA SER A 165 18.41 -4.42 -5.04
C SER A 165 19.18 -5.12 -6.17
N ASP A 166 20.41 -5.54 -5.89
CA ASP A 166 21.28 -6.10 -6.94
C ASP A 166 21.75 -7.51 -6.60
N LEU A 167 21.25 -8.06 -5.51
CA LEU A 167 21.59 -9.41 -5.08
C LEU A 167 23.09 -9.59 -4.86
N THR A 168 23.69 -8.58 -4.24
CA THR A 168 25.06 -8.71 -3.78
C THR A 168 25.10 -9.18 -2.32
N GLU A 169 26.10 -9.96 -1.95
CA GLU A 169 26.26 -10.38 -0.57
C GLU A 169 27.01 -9.35 0.25
N LYS A 170 26.47 -8.99 1.41
CA LYS A 170 27.12 -8.06 2.30
C LYS A 170 28.08 -8.84 3.17
N PHE A 171 27.58 -9.90 3.79
CA PHE A 171 28.45 -10.84 4.50
C PHE A 171 27.79 -12.18 4.79
N GLU A 172 28.62 -13.11 5.21
CA GLU A 172 28.26 -14.48 5.46
C GLU A 172 28.48 -14.75 6.95
N ILE A 173 27.49 -15.36 7.58
CA ILE A 173 27.58 -15.73 9.00
C ILE A 173 27.59 -17.25 9.10
N GLU A 174 28.70 -17.80 9.56
CA GLU A 174 28.76 -19.24 9.80
C GLU A 174 28.17 -19.51 11.17
N THR A 175 26.99 -20.12 11.19
CA THR A 175 26.29 -20.38 12.44
C THR A 175 26.73 -21.73 13.02
N ARG A 176 26.41 -21.98 14.28
CA ARG A 176 26.84 -23.21 14.94
C ARG A 176 26.18 -24.45 14.36
N GLY A 177 24.85 -24.41 14.22
CA GLY A 177 24.10 -25.56 13.77
C GLY A 177 22.96 -25.22 12.83
N GLU A 178 21.76 -25.66 13.17
CA GLU A 178 20.61 -25.42 12.31
C GLU A 178 19.97 -24.07 12.62
N VAL A 179 19.75 -23.26 11.60
CA VAL A 179 19.01 -22.02 11.79
C VAL A 179 17.54 -22.34 11.64
N LYS A 180 16.78 -22.15 12.71
CA LYS A 180 15.37 -22.49 12.71
C LYS A 180 14.53 -21.38 12.09
N ASP A 181 14.93 -20.12 12.30
CA ASP A 181 14.16 -18.98 11.83
C ASP A 181 15.01 -17.75 12.06
N LEU A 182 14.63 -16.64 11.44
CA LEU A 182 15.32 -15.36 11.62
C LEU A 182 14.32 -14.22 11.38
N HIS A 183 14.68 -13.01 11.79
CA HIS A 183 13.87 -11.85 11.49
C HIS A 183 14.68 -10.57 11.63
N PHE A 184 14.30 -9.55 10.88
CA PHE A 184 14.94 -8.23 10.96
C PHE A 184 14.21 -7.28 11.90
N SER A 185 14.98 -6.42 12.57
CA SER A 185 14.38 -5.27 13.22
C SER A 185 13.72 -4.38 12.17
N THR A 186 12.71 -3.61 12.55
CA THR A 186 12.02 -2.74 11.60
C THR A 186 12.93 -1.72 10.91
N ASP A 187 14.01 -1.28 11.56
CA ASP A 187 14.94 -0.36 10.89
C ASP A 187 16.01 -1.07 10.03
N GLY A 188 15.96 -2.40 10.01
CA GLY A 188 16.88 -3.18 9.20
C GLY A 188 18.31 -3.28 9.72
N LYS A 189 18.59 -2.72 10.90
CA LYS A 189 19.96 -2.61 11.40
C LYS A 189 20.41 -3.86 12.16
N VAL A 190 19.43 -4.69 12.54
CA VAL A 190 19.68 -5.87 13.34
C VAL A 190 18.96 -7.06 12.72
N VAL A 191 19.64 -8.21 12.73
CA VAL A 191 19.01 -9.47 12.40
C VAL A 191 19.16 -10.43 13.59
N ALA A 192 18.06 -11.06 14.00
CA ALA A 192 18.09 -12.03 15.08
C ALA A 192 17.75 -13.38 14.48
N TYR A 193 18.51 -14.41 14.83
CA TYR A 193 18.17 -15.77 14.39
C TYR A 193 18.15 -16.69 15.60
N ILE A 194 17.46 -17.80 15.47
CA ILE A 194 17.44 -18.82 16.52
C ILE A 194 17.91 -20.15 15.96
N THR A 195 18.64 -20.89 16.81
CA THR A 195 18.85 -22.32 16.63
C THR A 195 17.80 -22.99 17.51
N GLY A 196 17.86 -24.31 17.65
CA GLY A 196 16.93 -24.99 18.56
C GLY A 196 17.12 -24.62 20.02
N SER A 197 18.29 -24.09 20.36
CA SER A 197 18.59 -23.82 21.77
C SER A 197 19.17 -22.44 22.06
N SER A 198 19.26 -21.59 21.04
CA SER A 198 19.85 -20.27 21.28
C SER A 198 19.27 -19.18 20.41
N LEU A 199 19.40 -17.95 20.91
CA LEU A 199 19.08 -16.71 20.20
C LEU A 199 20.39 -15.98 19.93
N GLU A 200 20.60 -15.56 18.69
CA GLU A 200 21.82 -14.89 18.25
C GLU A 200 21.41 -13.61 17.57
N VAL A 201 21.99 -12.50 17.99
CA VAL A 201 21.61 -11.20 17.47
C VAL A 201 22.83 -10.51 16.85
N ILE A 202 22.70 -10.13 15.58
CA ILE A 202 23.83 -9.66 14.76
C ILE A 202 23.53 -8.32 14.10
N SER A 203 24.52 -7.44 13.99
CA SER A 203 24.36 -6.19 13.25
C SER A 203 24.40 -6.44 11.74
N THR A 204 23.44 -5.86 11.01
CA THR A 204 23.49 -6.02 9.56
C THR A 204 24.42 -4.99 8.92
N VAL A 205 24.93 -4.07 9.73
CA VAL A 205 25.80 -3.01 9.24
C VAL A 205 27.25 -3.44 9.34
N THR A 206 27.62 -4.06 10.47
CA THR A 206 28.99 -4.48 10.67
C THR A 206 29.20 -6.00 10.65
N GLY A 207 28.12 -6.76 10.78
CA GLY A 207 28.23 -8.20 10.92
C GLY A 207 28.64 -8.63 12.32
N SER A 208 28.77 -7.68 13.24
CA SER A 208 29.23 -7.97 14.58
C SER A 208 28.14 -8.56 15.47
N CYS A 209 28.56 -9.35 16.45
CA CYS A 209 27.65 -9.89 17.45
C CYS A 209 27.18 -8.79 18.36
N ILE A 210 25.87 -8.70 18.55
CA ILE A 210 25.30 -7.72 19.48
C ILE A 210 24.97 -8.38 20.81
N ALA A 211 24.26 -9.50 20.79
CA ALA A 211 23.88 -10.18 22.02
C ALA A 211 23.51 -11.62 21.70
N ARG A 212 23.49 -12.48 22.70
CA ARG A 212 23.01 -13.83 22.51
C ARG A 212 22.43 -14.38 23.81
N LYS A 213 21.62 -15.41 23.68
CA LYS A 213 21.03 -16.05 24.84
C LYS A 213 21.04 -17.54 24.60
N THR A 214 21.59 -18.31 25.53
CA THR A 214 21.63 -19.76 25.37
C THR A 214 21.02 -20.51 26.57
N ASP A 215 20.51 -19.78 27.55
CA ASP A 215 20.06 -20.43 28.79
C ASP A 215 18.54 -20.61 28.89
N PHE A 216 17.94 -21.08 27.80
CA PHE A 216 16.51 -21.38 27.80
C PHE A 216 16.25 -22.68 28.54
N ASP A 217 15.00 -22.88 28.96
CA ASP A 217 14.57 -24.13 29.56
C ASP A 217 15.03 -25.28 28.68
N LYS A 218 15.61 -26.31 29.27
CA LYS A 218 16.15 -27.40 28.46
C LYS A 218 15.06 -28.21 27.74
N ASN A 219 13.81 -28.06 28.17
CA ASN A 219 12.70 -28.74 27.51
C ASN A 219 12.13 -27.96 26.33
N TRP A 220 12.73 -26.81 26.00
CA TRP A 220 12.21 -26.02 24.87
C TRP A 220 13.03 -26.22 23.61
N SER A 221 12.34 -26.40 22.48
CA SER A 221 12.98 -26.39 21.17
C SER A 221 12.50 -25.12 20.48
N LEU A 222 13.41 -24.16 20.32
CA LEU A 222 13.02 -22.88 19.73
C LEU A 222 12.62 -23.09 18.28
N SER A 223 11.54 -22.42 17.87
CA SER A 223 10.96 -22.69 16.55
C SER A 223 10.84 -21.48 15.63
N LYS A 224 10.31 -20.36 16.13
CA LYS A 224 10.02 -19.18 15.30
C LYS A 224 10.40 -17.91 16.05
N ILE A 225 10.80 -16.89 15.30
CA ILE A 225 11.12 -15.61 15.88
C ILE A 225 10.59 -14.46 15.01
N ASN A 226 10.05 -13.45 15.65
CA ASN A 226 9.65 -12.21 15.00
C ASN A 226 9.92 -11.02 15.90
N PHE A 227 10.34 -9.89 15.34
CA PHE A 227 10.38 -8.66 16.13
C PHE A 227 8.97 -8.15 16.40
N ILE A 228 8.73 -7.66 17.61
CA ILE A 228 7.41 -7.13 17.96
C ILE A 228 7.44 -5.67 18.41
N ALA A 229 8.63 -5.15 18.65
CA ALA A 229 8.83 -3.73 18.97
C ALA A 229 10.29 -3.45 18.69
N ASP A 230 10.75 -2.19 18.82
CA ASP A 230 12.09 -1.80 18.34
C ASP A 230 13.27 -2.74 18.65
N ASP A 231 13.35 -3.14 19.91
CA ASP A 231 14.41 -3.98 20.45
C ASP A 231 13.82 -5.18 21.20
N THR A 232 12.70 -5.68 20.71
CA THR A 232 12.03 -6.77 21.40
C THR A 232 11.62 -7.84 20.41
N VAL A 233 11.97 -9.09 20.72
CA VAL A 233 11.57 -10.22 19.89
C VAL A 233 10.54 -11.11 20.60
N LEU A 234 9.71 -11.76 19.78
CA LEU A 234 8.82 -12.82 20.21
C LEU A 234 9.38 -14.15 19.72
N ILE A 235 9.65 -15.09 20.60
CA ILE A 235 10.10 -16.42 20.21
C ILE A 235 9.03 -17.43 20.58
N ALA A 236 8.70 -18.30 19.62
CA ALA A 236 7.84 -19.46 19.88
C ALA A 236 8.71 -20.68 20.01
N ALA A 237 8.45 -21.50 21.04
CA ALA A 237 9.18 -22.73 21.26
C ALA A 237 8.18 -23.86 21.46
N SER A 238 8.57 -25.07 21.09
CA SER A 238 7.76 -26.24 21.37
C SER A 238 8.38 -27.02 22.51
N LEU A 239 7.57 -27.81 23.20
CA LEU A 239 8.11 -28.67 24.28
C LEU A 239 8.65 -29.98 23.71
N LYS A 240 9.81 -30.40 24.16
CA LYS A 240 10.38 -31.65 23.66
C LYS A 240 9.65 -32.84 24.27
N LYS A 241 9.52 -32.80 25.60
CA LYS A 241 8.80 -33.83 26.33
C LYS A 241 7.47 -33.23 26.73
N GLY A 242 6.38 -33.92 26.38
CA GLY A 242 5.07 -33.36 26.56
C GLY A 242 4.71 -32.56 25.32
N LYS A 243 3.59 -31.86 25.39
CA LYS A 243 3.01 -31.22 24.23
C LYS A 243 2.63 -29.80 24.59
N GLY A 244 3.17 -28.82 23.86
CA GLY A 244 2.75 -27.45 24.06
C GLY A 244 3.58 -26.43 23.30
N ILE A 245 3.08 -25.20 23.26
CA ILE A 245 3.78 -24.08 22.63
C ILE A 245 3.93 -22.97 23.66
N VAL A 246 5.15 -22.48 23.78
CA VAL A 246 5.47 -21.40 24.69
C VAL A 246 5.86 -20.18 23.86
N LEU A 247 5.33 -19.03 24.22
CA LEU A 247 5.73 -17.76 23.62
C LEU A 247 6.48 -16.92 24.63
N THR A 248 7.58 -16.32 24.23
CA THR A 248 8.37 -15.51 25.15
C THR A 248 8.75 -14.20 24.47
N LYS A 249 8.64 -13.09 25.20
CA LYS A 249 9.06 -11.77 24.74
C LYS A 249 10.39 -11.43 25.39
N ILE A 250 11.39 -11.10 24.57
CA ILE A 250 12.74 -10.86 25.06
C ILE A 250 13.24 -9.53 24.54
N SER A 251 13.69 -8.66 25.44
CA SER A 251 14.29 -7.40 25.02
C SER A 251 15.78 -7.62 24.80
N ILE A 252 16.31 -6.86 23.86
CA ILE A 252 17.71 -6.97 23.46
C ILE A 252 18.40 -5.65 23.70
N LYS A 253 19.52 -5.72 24.40
CA LYS A 253 20.40 -4.59 24.64
C LYS A 253 21.76 -4.99 24.10
N SER A 254 22.68 -4.04 24.02
CA SER A 254 24.05 -4.37 23.72
C SER A 254 24.63 -5.31 24.79
N GLY A 255 24.98 -6.51 24.38
CA GLY A 255 25.57 -7.52 25.23
C GLY A 255 24.64 -8.24 26.17
N ASN A 256 23.36 -7.89 26.16
CA ASN A 256 22.45 -8.42 27.15
C ASN A 256 21.08 -8.63 26.58
N THR A 257 20.38 -9.63 27.13
CA THR A 257 18.96 -9.81 26.84
C THR A 257 18.19 -9.88 28.15
N SER A 258 16.89 -9.62 28.09
CA SER A 258 16.06 -9.77 29.28
C SER A 258 14.75 -10.41 28.89
N VAL A 259 14.37 -11.48 29.58
CA VAL A 259 13.06 -12.06 29.37
C VAL A 259 11.99 -11.15 30.01
N LEU A 260 11.07 -10.61 29.21
CA LEU A 260 10.02 -9.74 29.73
C LEU A 260 8.85 -10.55 30.25
N ARG A 261 8.48 -11.58 29.50
CA ARG A 261 7.24 -12.30 29.76
C ARG A 261 7.24 -13.59 28.97
N SER A 262 6.74 -14.67 29.56
CA SER A 262 6.68 -15.97 28.91
C SER A 262 5.41 -16.66 29.33
N LYS A 263 4.80 -17.38 28.42
CA LYS A 263 3.57 -18.09 28.73
C LYS A 263 3.41 -19.28 27.81
N GLN A 264 3.01 -20.42 28.37
CA GLN A 264 2.57 -21.52 27.54
C GLN A 264 1.17 -21.20 27.04
N VAL A 265 1.02 -20.99 25.74
CA VAL A 265 -0.24 -20.50 25.20
C VAL A 265 -1.19 -21.63 24.83
N THR A 266 -0.68 -22.84 24.73
CA THR A 266 -1.53 -23.99 24.45
C THR A 266 -0.81 -25.32 24.73
N ASN A 267 -1.59 -26.35 25.02
CA ASN A 267 -1.08 -27.70 25.07
C ASN A 267 -1.69 -28.55 23.96
N ARG A 268 -2.31 -27.89 22.99
CA ARG A 268 -3.03 -28.60 21.93
C ARG A 268 -2.20 -28.90 20.69
N PHE A 269 -1.04 -28.25 20.58
CA PHE A 269 -0.13 -28.44 19.44
C PHE A 269 1.20 -28.98 19.89
N LYS A 270 1.78 -29.92 19.12
CA LYS A 270 3.15 -30.37 19.36
C LYS A 270 4.21 -29.45 18.76
N GLY A 271 3.90 -28.86 17.62
CA GLY A 271 4.84 -28.02 16.92
C GLY A 271 4.13 -27.04 16.01
N ILE A 272 4.87 -26.06 15.54
CA ILE A 272 4.32 -25.13 14.57
C ILE A 272 5.21 -25.01 13.33
N THR A 273 4.55 -24.89 12.18
CA THR A 273 5.26 -24.80 10.91
C THR A 273 5.52 -23.38 10.44
N SER A 274 4.80 -22.41 11.00
CA SER A 274 4.89 -21.04 10.51
C SER A 274 4.29 -20.10 11.55
N MSE A 275 4.81 -18.87 11.59
CA MSE A 275 4.30 -17.83 12.47
C MSE A 275 4.44 -16.49 11.78
O MSE A 275 5.39 -16.27 11.02
CB MSE A 275 5.10 -17.81 13.79
CG MSE A 275 4.63 -16.72 14.76
SE MSE A 275 5.35 -16.84 16.56
CE MSE A 275 7.05 -15.92 16.41
N ASP A 276 3.49 -15.60 12.02
CA ASP A 276 3.64 -14.21 11.59
C ASP A 276 3.12 -13.30 12.69
N VAL A 277 3.60 -12.07 12.68
CA VAL A 277 3.12 -11.05 13.61
C VAL A 277 2.69 -9.86 12.80
N ASP A 278 1.62 -9.17 13.21
CA ASP A 278 1.12 -8.08 12.37
C ASP A 278 1.98 -6.83 12.49
N MSE A 279 1.79 -5.88 11.59
CA MSE A 279 2.62 -4.67 11.58
C MSE A 279 2.53 -3.90 12.88
O MSE A 279 3.48 -3.24 13.28
CB MSE A 279 2.25 -3.76 10.42
CG MSE A 279 2.44 -4.40 9.07
SE MSE A 279 2.74 -3.04 7.74
CE MSE A 279 1.50 -1.70 8.42
N LYS A 280 1.39 -3.99 13.54
CA LYS A 280 1.16 -3.27 14.79
C LYS A 280 1.81 -3.93 15.99
N GLY A 281 2.30 -5.16 15.83
CA GLY A 281 2.90 -5.90 16.92
C GLY A 281 1.91 -6.37 17.97
N GLU A 282 0.64 -6.52 17.57
CA GLU A 282 -0.42 -6.85 18.52
C GLU A 282 -0.98 -8.27 18.32
N LEU A 283 -0.80 -8.80 17.13
CA LEU A 283 -1.38 -10.09 16.79
C LEU A 283 -0.30 -11.02 16.26
N ALA A 284 -0.29 -12.25 16.76
CA ALA A 284 0.50 -13.33 16.17
C ALA A 284 -0.44 -14.41 15.65
N VAL A 285 -0.02 -15.04 14.56
CA VAL A 285 -0.75 -16.17 14.00
C VAL A 285 0.20 -17.35 13.86
N LEU A 286 -0.29 -18.54 14.23
CA LEU A 286 0.51 -19.76 14.21
C LEU A 286 -0.17 -20.79 13.32
N ALA A 287 0.63 -21.57 12.59
CA ALA A 287 0.15 -22.78 11.92
C ALA A 287 0.74 -23.99 12.60
N SER A 288 -0.09 -24.95 12.97
CA SER A 288 0.39 -26.11 13.71
C SER A 288 0.71 -27.30 12.82
N ASN A 289 1.45 -28.25 13.38
CA ASN A 289 1.74 -29.50 12.70
C ASN A 289 0.48 -30.30 12.40
N ASP A 290 -0.57 -30.12 13.19
CA ASP A 290 -1.80 -30.88 12.96
C ASP A 290 -2.85 -30.11 12.14
N ASN A 291 -2.37 -29.06 11.45
CA ASN A 291 -3.15 -28.37 10.39
C ASN A 291 -4.16 -27.36 10.90
N SER A 292 -3.88 -26.80 12.07
CA SER A 292 -4.71 -25.73 12.62
C SER A 292 -4.06 -24.37 12.38
N ILE A 293 -4.89 -23.34 12.35
CA ILE A 293 -4.42 -21.95 12.39
C ILE A 293 -4.88 -21.37 13.73
N ALA A 294 -3.97 -20.75 14.48
CA ALA A 294 -4.30 -20.16 15.76
C ALA A 294 -4.03 -18.66 15.80
N LEU A 295 -4.90 -17.91 16.46
CA LEU A 295 -4.76 -16.45 16.60
C LEU A 295 -4.35 -16.19 18.03
N VAL A 296 -3.30 -15.40 18.20
CA VAL A 296 -2.81 -15.06 19.53
C VAL A 296 -2.80 -13.55 19.72
N LYS A 297 -3.48 -13.08 20.77
CA LYS A 297 -3.41 -11.67 21.13
C LYS A 297 -2.19 -11.45 22.02
N LEU A 298 -1.24 -10.69 21.51
CA LEU A 298 0.06 -10.51 22.16
C LEU A 298 0.00 -9.69 23.45
N LYS A 299 -0.98 -8.81 23.60
CA LYS A 299 -1.03 -8.02 24.85
C LYS A 299 -1.30 -8.91 26.06
N ASP A 300 -1.99 -10.02 25.81
CA ASP A 300 -2.35 -10.99 26.84
C ASP A 300 -1.60 -12.32 26.71
N LEU A 301 -0.80 -12.47 25.65
CA LEU A 301 -0.27 -13.78 25.22
C LEU A 301 -1.31 -14.87 25.32
N SER A 302 -2.49 -14.62 24.78
CA SER A 302 -3.56 -15.58 24.91
C SER A 302 -3.98 -16.05 23.53
N MSE A 303 -4.14 -17.35 23.39
CA MSE A 303 -4.60 -17.92 22.13
C MSE A 303 -6.11 -17.84 22.12
O MSE A 303 -6.79 -18.55 22.84
CB MSE A 303 -4.15 -19.37 22.00
CG MSE A 303 -4.64 -20.05 20.73
SE MSE A 303 -3.78 -21.77 20.49
CE MSE A 303 -1.97 -21.16 20.40
N SER A 304 -6.63 -16.95 21.30
CA SER A 304 -8.03 -16.58 21.36
C SER A 304 -8.93 -17.40 20.43
N LYS A 305 -8.35 -18.03 19.41
CA LYS A 305 -9.16 -18.78 18.46
C LYS A 305 -8.28 -19.80 17.76
N ILE A 306 -8.82 -21.01 17.57
CA ILE A 306 -8.18 -22.04 16.76
C ILE A 306 -9.12 -22.48 15.65
N PHE A 307 -8.62 -22.46 14.43
CA PHE A 307 -9.31 -22.99 13.25
C PHE A 307 -8.76 -24.38 12.96
N LYS A 308 -9.55 -25.41 13.24
CA LYS A 308 -9.10 -26.80 13.03
C LYS A 308 -9.18 -27.21 11.58
N GLN A 309 -8.24 -28.04 11.15
CA GLN A 309 -8.24 -28.56 9.78
C GLN A 309 -8.41 -27.48 8.73
N ALA A 310 -7.63 -26.42 8.85
CA ALA A 310 -7.68 -25.34 7.88
C ALA A 310 -7.19 -25.81 6.51
N HIS A 311 -6.31 -26.80 6.50
CA HIS A 311 -5.82 -27.46 5.27
C HIS A 311 -5.73 -28.95 5.54
N SER A 312 -5.64 -29.75 4.48
CA SER A 312 -5.62 -31.19 4.64
C SER A 312 -4.34 -31.72 5.25
N PHE A 313 -3.23 -31.06 4.92
CA PHE A 313 -1.93 -31.44 5.42
C PHE A 313 -0.93 -30.34 5.10
N ALA A 314 0.20 -30.35 5.83
CA ALA A 314 1.38 -29.54 5.53
C ALA A 314 1.10 -28.07 5.26
N ILE A 315 0.66 -27.36 6.30
CA ILE A 315 0.59 -25.90 6.21
C ILE A 315 2.02 -25.38 6.15
N THR A 316 2.33 -24.62 5.11
CA THR A 316 3.70 -24.19 4.87
C THR A 316 3.93 -22.74 5.25
N GLU A 317 2.92 -21.88 5.18
CA GLU A 317 3.13 -20.48 5.56
C GLU A 317 1.83 -19.84 5.99
N VAL A 318 1.93 -18.96 6.98
CA VAL A 318 0.83 -18.10 7.34
C VAL A 318 1.31 -16.66 7.28
N THR A 319 0.47 -15.73 6.84
CA THR A 319 0.84 -14.34 6.62
C THR A 319 -0.37 -13.42 6.88
N ILE A 320 -0.12 -12.27 7.48
CA ILE A 320 -1.16 -11.31 7.82
C ILE A 320 -1.07 -10.10 6.92
N SER A 321 -2.21 -9.60 6.48
CA SER A 321 -2.20 -8.43 5.60
C SER A 321 -1.73 -7.22 6.39
N PRO A 322 -1.20 -6.21 5.68
CA PRO A 322 -0.57 -5.11 6.43
C PRO A 322 -1.51 -4.30 7.33
N ASP A 323 -2.80 -4.29 7.00
CA ASP A 323 -3.81 -3.59 7.81
C ASP A 323 -4.45 -4.52 8.84
N SER A 324 -3.95 -5.75 8.94
CA SER A 324 -4.48 -6.75 9.85
C SER A 324 -5.93 -7.20 9.59
N THR A 325 -6.42 -7.00 8.36
CA THR A 325 -7.77 -7.43 7.98
C THR A 325 -7.82 -8.95 7.69
N TYR A 326 -6.78 -9.48 7.05
CA TYR A 326 -6.80 -10.86 6.56
C TYR A 326 -5.65 -11.68 7.12
N VAL A 327 -5.92 -12.93 7.43
CA VAL A 327 -4.88 -13.91 7.69
C VAL A 327 -4.97 -14.94 6.57
N ALA A 328 -3.88 -15.14 5.84
CA ALA A 328 -3.83 -16.15 4.78
C ALA A 328 -2.87 -17.25 5.16
N SER A 329 -3.22 -18.48 4.84
CA SER A 329 -2.30 -19.57 4.99
C SER A 329 -2.35 -20.44 3.74
N VAL A 330 -1.24 -21.08 3.43
CA VAL A 330 -1.15 -21.95 2.26
C VAL A 330 -0.51 -23.26 2.65
N SER A 331 -0.70 -24.28 1.81
CA SER A 331 -0.26 -25.62 2.17
C SER A 331 0.18 -26.42 0.95
N ALA A 332 0.97 -27.45 1.22
CA ALA A 332 1.40 -28.36 0.18
C ALA A 332 0.26 -29.25 -0.30
N ALA A 333 -0.92 -29.13 0.31
CA ALA A 333 -2.15 -29.76 -0.18
C ALA A 333 -2.85 -28.91 -1.24
N ASN A 334 -2.19 -27.84 -1.66
CA ASN A 334 -2.55 -26.98 -2.80
C ASN A 334 -3.58 -25.90 -2.47
N THR A 335 -3.85 -25.70 -1.18
CA THR A 335 -4.93 -24.81 -0.82
C THR A 335 -4.48 -23.53 -0.14
N ILE A 336 -5.30 -22.51 -0.30
CA ILE A 336 -5.16 -21.22 0.37
C ILE A 336 -6.37 -21.08 1.28
N HIS A 337 -6.15 -20.69 2.52
CA HIS A 337 -7.24 -20.47 3.47
C HIS A 337 -7.16 -19.02 3.92
N ILE A 338 -8.29 -18.30 3.93
CA ILE A 338 -8.33 -16.88 4.31
C ILE A 338 -9.28 -16.73 5.50
N ILE A 339 -8.84 -16.00 6.51
CA ILE A 339 -9.69 -15.57 7.63
C ILE A 339 -9.80 -14.07 7.61
N LYS A 340 -11.01 -13.53 7.74
CA LYS A 340 -11.17 -12.08 7.89
C LYS A 340 -11.32 -11.74 9.38
N LEU A 341 -10.55 -10.77 9.85
CA LEU A 341 -10.58 -10.38 11.25
C LEU A 341 -11.37 -9.11 11.43
N PRO A 342 -12.07 -9.02 12.57
CA PRO A 342 -12.72 -7.75 12.94
C PRO A 342 -11.71 -6.63 13.10
N LEU A 343 -12.16 -5.39 12.89
CA LEU A 343 -11.35 -4.21 13.16
C LEU A 343 -10.79 -4.22 14.59
N ASN A 344 -9.49 -3.98 14.72
CA ASN A 344 -8.83 -3.91 16.02
C ASN A 344 -9.01 -5.18 16.88
N TYR A 345 -9.18 -6.31 16.20
CA TYR A 345 -9.37 -7.58 16.88
C TYR A 345 -8.40 -7.83 18.02
N ALA A 346 -7.12 -7.56 17.78
CA ALA A 346 -6.09 -7.94 18.75
C ALA A 346 -6.18 -7.21 20.10
N ASN A 347 -7.20 -6.34 20.23
CA ASN A 347 -7.50 -5.71 21.50
C ASN A 347 -8.80 -6.24 22.09
N SER B 3 -2.96 23.98 23.85
CA SER B 3 -3.33 23.50 22.53
C SER B 3 -2.45 22.34 22.10
N MSE B 4 -3.03 21.42 21.34
CA MSE B 4 -2.27 20.28 20.84
C MSE B 4 -1.15 20.73 19.90
O MSE B 4 -1.34 21.63 19.07
CB MSE B 4 -3.18 19.31 20.11
CG MSE B 4 -2.45 18.20 19.43
SE MSE B 4 -3.72 16.92 18.74
CE MSE B 4 -3.85 15.74 20.28
N LYS B 5 0.02 20.12 20.03
CA LYS B 5 1.12 20.40 19.12
C LYS B 5 1.12 19.34 18.00
N PHE B 6 1.49 19.77 16.81
CA PHE B 6 1.59 18.88 15.65
C PHE B 6 2.96 18.97 15.03
N VAL B 7 3.48 17.81 14.62
CA VAL B 7 4.69 17.76 13.80
C VAL B 7 4.38 18.21 12.38
N THR B 8 5.10 19.21 11.89
CA THR B 8 4.98 19.60 10.48
C THR B 8 6.36 19.75 9.85
N ALA B 9 6.39 19.77 8.53
CA ALA B 9 7.61 20.03 7.79
C ALA B 9 7.24 20.64 6.45
N SER B 10 8.15 21.41 5.85
CA SER B 10 7.93 22.09 4.58
C SER B 10 9.12 21.93 3.66
N TYR B 11 8.85 21.96 2.37
CA TYR B 11 9.87 21.77 1.34
C TYR B 11 9.59 22.64 0.13
N ASN B 12 10.63 23.22 -0.43
CA ASN B 12 10.56 23.86 -1.74
C ASN B 12 10.90 22.85 -2.82
N VAL B 13 9.90 22.41 -3.58
CA VAL B 13 10.09 21.39 -4.59
C VAL B 13 10.77 21.97 -5.85
N GLY B 14 10.82 23.30 -5.97
CA GLY B 14 11.57 23.94 -7.04
C GLY B 14 10.76 24.41 -8.23
N TYR B 15 9.45 24.21 -8.21
CA TYR B 15 8.57 24.64 -9.29
C TYR B 15 7.17 24.78 -8.71
N PRO B 16 6.31 25.59 -9.35
CA PRO B 16 4.95 25.75 -8.84
C PRO B 16 4.23 24.41 -8.87
N ALA B 17 3.65 24.03 -7.74
CA ALA B 17 3.00 22.74 -7.61
C ALA B 17 1.49 22.89 -7.69
N TYR B 18 0.89 22.11 -8.60
CA TYR B 18 -0.53 22.19 -8.88
C TYR B 18 -1.36 20.99 -8.45
N GLY B 19 -0.70 19.86 -8.20
CA GLY B 19 -1.41 18.67 -7.74
C GLY B 19 -0.56 17.80 -6.87
N ALA B 20 -1.20 17.00 -6.01
CA ALA B 20 -0.49 16.10 -5.13
C ALA B 20 -1.38 14.95 -4.77
N LYS B 21 -0.80 13.76 -4.64
CA LYS B 21 -1.52 12.56 -4.28
C LYS B 21 -0.59 11.57 -3.60
N PHE B 22 -1.01 11.02 -2.46
CA PHE B 22 -0.25 9.92 -1.88
C PHE B 22 -0.39 8.64 -2.69
N LEU B 23 0.73 8.00 -2.99
CA LEU B 23 0.72 6.73 -3.69
C LEU B 23 0.68 5.56 -2.71
N ASN B 24 1.15 5.80 -1.48
CA ASN B 24 0.98 4.86 -0.37
C ASN B 24 1.18 5.62 0.93
N ASN B 25 1.41 4.92 2.03
CA ASN B 25 1.40 5.56 3.34
C ASN B 25 2.39 6.70 3.49
N ASP B 26 3.54 6.61 2.84
CA ASP B 26 4.55 7.66 3.00
C ASP B 26 5.16 8.17 1.69
N THR B 27 4.54 7.85 0.56
CA THR B 27 5.10 8.21 -0.73
C THR B 27 4.13 9.19 -1.39
N LEU B 28 4.64 10.37 -1.73
CA LEU B 28 3.84 11.48 -2.25
C LEU B 28 4.23 11.79 -3.69
N LEU B 29 3.23 11.85 -4.57
CA LEU B 29 3.41 12.32 -5.93
C LEU B 29 3.00 13.79 -5.99
N VAL B 30 3.86 14.64 -6.55
CA VAL B 30 3.58 16.06 -6.76
C VAL B 30 3.74 16.37 -8.25
N ALA B 31 2.87 17.23 -8.77
CA ALA B 31 2.93 17.58 -10.18
C ALA B 31 2.83 19.07 -10.35
N GLY B 32 3.61 19.63 -11.27
CA GLY B 32 3.47 21.05 -11.55
C GLY B 32 4.52 21.50 -12.52
N GLY B 33 4.78 22.80 -12.53
CA GLY B 33 5.85 23.29 -13.36
C GLY B 33 5.76 24.75 -13.66
N GLY B 34 6.77 25.22 -14.40
CA GLY B 34 6.86 26.61 -14.80
C GLY B 34 6.02 26.98 -16.01
N GLY B 35 5.35 26.01 -16.62
CA GLY B 35 4.58 26.27 -17.82
C GLY B 35 5.46 26.32 -19.06
N GLU B 36 4.87 26.80 -20.15
CA GLU B 36 5.48 26.62 -21.46
C GLU B 36 6.51 27.66 -21.84
N GLY B 37 6.54 28.78 -21.13
CA GLY B 37 7.48 29.84 -21.42
C GLY B 37 8.93 29.38 -21.28
N ASN B 38 9.83 30.02 -22.03
CA ASN B 38 11.25 29.74 -21.89
C ASN B 38 11.79 30.45 -20.65
N ASN B 39 11.45 29.94 -19.47
CA ASN B 39 11.71 30.64 -18.23
C ASN B 39 12.65 29.91 -17.26
N GLY B 40 13.20 28.78 -17.70
CA GLY B 40 14.13 28.01 -16.90
C GLY B 40 13.50 27.26 -15.74
N ILE B 41 12.18 27.22 -15.70
CA ILE B 41 11.48 26.46 -14.68
C ILE B 41 10.81 25.27 -15.36
N PRO B 42 11.20 24.05 -14.96
CA PRO B 42 10.78 22.84 -15.67
C PRO B 42 9.35 22.48 -15.33
N ASN B 43 8.84 21.50 -16.06
CA ASN B 43 7.55 20.90 -15.79
C ASN B 43 7.81 19.45 -15.40
N LYS B 44 7.29 19.04 -14.25
CA LYS B 44 7.73 17.81 -13.64
C LYS B 44 6.66 17.06 -12.87
N LEU B 45 6.89 15.77 -12.76
CA LEU B 45 6.28 14.94 -11.73
C LEU B 45 7.39 14.53 -10.79
N THR B 46 7.16 14.64 -9.49
CA THR B 46 8.14 14.27 -8.47
C THR B 46 7.53 13.30 -7.49
N VAL B 47 8.23 12.21 -7.20
CA VAL B 47 7.81 11.28 -6.16
C VAL B 47 8.78 11.40 -4.99
N LEU B 48 8.23 11.64 -3.80
CA LEU B 48 9.05 11.84 -2.59
C LEU B 48 8.64 10.87 -1.48
N ARG B 49 9.60 10.43 -0.68
CA ARG B 49 9.26 9.72 0.54
C ARG B 49 9.27 10.75 1.64
N VAL B 50 8.17 10.86 2.37
CA VAL B 50 8.06 11.88 3.41
C VAL B 50 8.17 11.30 4.82
N ASP B 51 8.95 12.00 5.63
CA ASP B 51 9.03 11.74 7.07
C ASP B 51 9.37 13.05 7.75
N PRO B 52 8.36 13.74 8.28
CA PRO B 52 8.56 15.08 8.80
C PRO B 52 9.29 15.08 10.14
N THR B 53 9.56 13.90 10.70
CA THR B 53 10.28 13.79 11.99
C THR B 53 11.80 13.81 11.85
N LYS B 54 12.31 13.74 10.63
CA LYS B 54 13.76 13.70 10.42
C LYS B 54 14.39 15.08 10.57
N ASP B 55 15.72 15.11 10.65
CA ASP B 55 16.45 16.31 11.03
C ASP B 55 16.54 17.45 9.99
N THR B 56 16.64 17.10 8.70
CA THR B 56 16.85 18.11 7.67
C THR B 56 15.86 17.94 6.53
N GLU B 57 15.71 18.97 5.70
CA GLU B 57 14.74 18.93 4.61
C GLU B 57 15.00 17.77 3.65
N LYS B 58 16.27 17.45 3.38
CA LYS B 58 16.59 16.39 2.44
C LYS B 58 16.25 15.00 2.98
N GLU B 59 16.22 14.86 4.31
CA GLU B 59 15.83 13.59 4.91
C GLU B 59 14.32 13.50 5.10
N GLN B 60 13.70 14.66 5.34
CA GLN B 60 12.27 14.77 5.51
C GLN B 60 11.53 14.58 4.19
N PHE B 61 12.16 15.02 3.11
CA PHE B 61 11.58 14.96 1.78
C PHE B 61 12.59 14.32 0.83
N HIS B 62 12.60 13.00 0.77
CA HIS B 62 13.61 12.30 0.01
C HIS B 62 13.09 12.08 -1.40
N ILE B 63 13.70 12.70 -2.39
CA ILE B 63 13.21 12.57 -3.75
C ILE B 63 13.59 11.20 -4.30
N LEU B 64 12.57 10.41 -4.62
CA LEU B 64 12.75 9.05 -5.10
C LEU B 64 12.90 9.02 -6.62
N SER B 65 12.09 9.83 -7.30
CA SER B 65 12.06 9.84 -8.76
C SER B 65 11.55 11.19 -9.21
N GLU B 66 12.00 11.62 -10.39
CA GLU B 66 11.41 12.77 -11.05
C GLU B 66 11.22 12.44 -12.51
N PHE B 67 10.13 12.91 -13.09
CA PHE B 67 9.93 12.74 -14.52
C PHE B 67 9.83 14.11 -15.14
N ALA B 68 10.68 14.37 -16.13
CA ALA B 68 10.72 15.66 -16.78
C ALA B 68 9.72 15.68 -17.92
N LEU B 69 8.67 16.47 -17.77
CA LEU B 69 7.75 16.73 -18.87
C LEU B 69 8.44 17.72 -19.82
N GLU B 70 7.79 18.06 -20.93
CA GLU B 70 8.44 18.99 -21.86
C GLU B 70 8.61 20.38 -21.27
N ASP B 71 9.77 20.99 -21.50
CA ASP B 71 10.01 22.36 -21.04
C ASP B 71 9.00 23.35 -21.60
N ASN B 72 8.54 23.08 -22.81
CA ASN B 72 7.59 23.97 -23.46
C ASN B 72 6.17 23.41 -23.55
N ASP B 73 5.91 22.32 -22.82
CA ASP B 73 4.55 21.85 -22.45
C ASP B 73 3.96 22.92 -21.50
N ASP B 74 2.65 22.97 -21.33
CA ASP B 74 2.05 23.65 -20.17
C ASP B 74 2.40 22.86 -18.91
N SER B 75 2.17 23.45 -17.76
CA SER B 75 2.35 22.75 -16.51
C SER B 75 1.10 21.89 -16.24
N PRO B 76 1.30 20.73 -15.57
CA PRO B 76 0.13 19.93 -15.18
C PRO B 76 -0.86 20.72 -14.32
N THR B 77 -2.13 20.43 -14.51
CA THR B 77 -3.17 21.13 -13.79
C THR B 77 -3.94 20.25 -12.81
N ALA B 78 -3.88 18.93 -12.96
CA ALA B 78 -4.69 18.04 -12.13
C ALA B 78 -4.14 16.65 -12.24
N ILE B 79 -4.18 15.89 -11.16
CA ILE B 79 -3.71 14.51 -11.17
C ILE B 79 -4.57 13.65 -10.25
N ASP B 80 -4.54 12.34 -10.47
CA ASP B 80 -5.04 11.41 -9.47
C ASP B 80 -4.29 10.09 -9.65
N ALA B 81 -4.43 9.22 -8.66
CA ALA B 81 -3.77 7.93 -8.73
C ALA B 81 -4.62 6.92 -7.96
N SER B 82 -4.78 5.74 -8.52
CA SER B 82 -5.43 4.62 -7.83
C SER B 82 -4.97 3.32 -8.46
N LYS B 83 -4.69 2.33 -7.62
CA LYS B 83 -4.31 0.98 -8.07
C LYS B 83 -3.13 0.99 -9.05
N GLY B 84 -2.19 1.89 -8.80
CA GLY B 84 -1.00 1.99 -9.61
C GLY B 84 -1.13 2.88 -10.84
N ILE B 85 -2.36 3.24 -11.20
CA ILE B 85 -2.55 4.10 -12.36
C ILE B 85 -2.45 5.56 -11.93
N ILE B 86 -1.56 6.32 -12.59
CA ILE B 86 -1.47 7.74 -12.37
C ILE B 86 -2.01 8.46 -13.61
N LEU B 87 -2.99 9.34 -13.43
CA LEU B 87 -3.51 10.14 -14.54
C LEU B 87 -3.13 11.59 -14.34
N VAL B 88 -2.65 12.24 -15.40
CA VAL B 88 -2.16 13.61 -15.32
C VAL B 88 -2.83 14.42 -16.40
N GLY B 89 -3.45 15.54 -16.03
CA GLY B 89 -3.97 16.49 -16.98
C GLY B 89 -2.89 17.52 -17.27
N CYS B 90 -2.47 17.63 -18.52
CA CYS B 90 -1.39 18.54 -18.91
C CYS B 90 -1.42 18.90 -20.39
N ASN B 91 -1.69 20.16 -20.68
CA ASN B 91 -1.71 20.61 -22.07
C ASN B 91 -0.34 20.56 -22.73
N GLU B 92 -0.36 20.28 -24.03
CA GLU B 92 0.81 20.46 -24.85
C GLU B 92 1.01 21.96 -25.12
N ASN B 93 2.10 22.27 -25.85
CA ASN B 93 2.43 23.64 -26.17
C ASN B 93 1.27 24.37 -26.84
N SER B 94 1.04 25.62 -26.47
CA SER B 94 -0.14 26.35 -26.92
C SER B 94 -0.19 26.56 -28.45
N THR B 95 0.95 26.77 -29.08
CA THR B 95 1.01 26.95 -30.52
C THR B 95 0.52 25.67 -31.21
N LYS B 96 0.98 24.53 -30.72
CA LYS B 96 0.55 23.24 -31.22
C LYS B 96 -0.97 23.07 -31.10
N ILE B 97 -1.50 23.42 -29.94
CA ILE B 97 -2.94 23.31 -29.72
C ILE B 97 -3.72 24.20 -30.70
N THR B 98 -3.31 25.46 -30.79
CA THR B 98 -4.00 26.46 -31.60
C THR B 98 -4.00 26.11 -33.08
N GLN B 99 -2.88 25.57 -33.57
CA GLN B 99 -2.86 25.25 -34.99
C GLN B 99 -3.50 23.90 -35.30
N GLY B 100 -3.97 23.18 -34.29
CA GLY B 100 -4.74 21.98 -34.56
C GLY B 100 -3.94 20.71 -34.68
N LYS B 101 -2.69 20.77 -34.24
CA LYS B 101 -1.81 19.60 -34.30
C LYS B 101 -2.16 18.50 -33.31
N GLY B 102 -3.07 18.78 -32.38
CA GLY B 102 -3.45 17.81 -31.39
C GLY B 102 -2.93 18.18 -30.02
N ASN B 103 -3.65 17.72 -29.01
CA ASN B 103 -3.35 18.06 -27.62
C ASN B 103 -3.59 16.84 -26.76
N LYS B 104 -2.57 16.01 -26.61
CA LYS B 104 -2.71 14.80 -25.80
C LYS B 104 -2.60 15.16 -24.31
N HIS B 105 -3.74 15.61 -23.79
CA HIS B 105 -3.78 16.33 -22.53
C HIS B 105 -4.10 15.44 -21.34
N LEU B 106 -4.41 14.18 -21.59
CA LEU B 106 -4.65 13.25 -20.49
C LEU B 106 -3.64 12.14 -20.63
N ARG B 107 -2.74 12.04 -19.65
CA ARG B 107 -1.57 11.19 -19.75
C ARG B 107 -1.57 10.14 -18.65
N LYS B 108 -1.25 8.88 -18.99
CA LYS B 108 -1.19 7.77 -18.06
C LYS B 108 0.27 7.42 -17.75
N PHE B 109 0.57 7.38 -16.45
CA PHE B 109 1.89 7.05 -15.93
C PHE B 109 1.75 5.91 -14.92
N LYS B 110 2.88 5.29 -14.62
CA LYS B 110 2.99 4.43 -13.43
C LYS B 110 4.27 4.80 -12.69
N TYR B 111 4.29 4.39 -11.41
CA TYR B 111 5.48 4.50 -10.58
C TYR B 111 5.91 3.09 -10.20
N ASP B 112 7.16 2.77 -10.52
CA ASP B 112 7.74 1.47 -10.21
C ASP B 112 8.40 1.51 -8.81
N LYS B 113 7.71 0.94 -7.83
CA LYS B 113 8.10 0.96 -6.43
C LYS B 113 9.41 0.23 -6.17
N VAL B 114 9.56 -0.91 -6.85
CA VAL B 114 10.73 -1.76 -6.68
C VAL B 114 11.99 -0.98 -7.01
N ASN B 115 11.82 -0.02 -7.92
CA ASN B 115 12.88 0.57 -8.73
C ASN B 115 12.99 2.10 -8.61
N ASP B 116 12.00 2.71 -7.98
CA ASP B 116 11.87 4.17 -7.98
C ASP B 116 11.99 4.82 -9.37
N GLN B 117 11.14 4.37 -10.29
CA GLN B 117 11.10 4.92 -11.64
C GLN B 117 9.67 5.29 -12.03
N LEU B 118 9.47 6.52 -12.50
CA LEU B 118 8.21 6.92 -13.11
C LEU B 118 8.30 6.57 -14.58
N GLU B 119 7.21 6.08 -15.16
CA GLU B 119 7.21 5.73 -16.57
C GLU B 119 5.95 6.24 -17.24
N PHE B 120 6.12 6.87 -18.41
CA PHE B 120 5.01 7.30 -19.23
C PHE B 120 4.48 6.10 -20.01
N LEU B 121 3.16 5.94 -20.00
CA LEU B 121 2.55 4.76 -20.64
C LEU B 121 1.80 5.08 -21.92
N THR B 122 0.87 6.04 -21.89
CA THR B 122 0.13 6.43 -23.09
C THR B 122 -0.56 7.76 -22.79
N SER B 123 -1.11 8.39 -23.80
CA SER B 123 -1.86 9.62 -23.60
C SER B 123 -2.86 9.76 -24.73
N VAL B 124 -3.90 10.56 -24.50
CA VAL B 124 -4.99 10.74 -25.44
C VAL B 124 -5.47 12.19 -25.42
N ASP B 125 -5.92 12.68 -26.57
CA ASP B 125 -6.60 13.95 -26.67
C ASP B 125 -8.10 13.65 -26.63
N PHE B 126 -8.72 13.83 -25.46
CA PHE B 126 -10.17 13.62 -25.34
C PHE B 126 -11.02 14.77 -25.84
N ASP B 127 -10.59 16.01 -25.59
CA ASP B 127 -11.43 17.18 -25.83
C ASP B 127 -11.41 17.66 -27.29
N ALA B 128 -10.35 17.33 -28.01
CA ALA B 128 -10.14 17.81 -29.38
C ALA B 128 -10.21 19.34 -29.46
N SER B 129 -9.64 20.00 -28.46
CA SER B 129 -9.69 21.44 -28.36
C SER B 129 -8.63 22.10 -29.20
N THR B 130 -8.96 23.28 -29.71
CA THR B 130 -7.95 24.11 -30.33
C THR B 130 -7.85 25.44 -29.63
N ASN B 131 -8.39 25.49 -28.41
CA ASN B 131 -8.29 26.67 -27.56
C ASN B 131 -7.33 26.40 -26.40
N ALA B 132 -6.13 26.98 -26.47
CA ALA B 132 -5.14 26.73 -25.44
C ALA B 132 -5.50 27.35 -24.09
N ASP B 133 -6.52 28.20 -24.05
CA ASP B 133 -6.99 28.73 -22.77
C ASP B 133 -7.74 27.68 -21.96
N ASP B 134 -8.20 26.62 -22.61
CA ASP B 134 -8.94 25.58 -21.89
C ASP B 134 -7.97 24.52 -21.38
N TYR B 135 -8.16 24.09 -20.14
CA TYR B 135 -7.25 23.12 -19.53
C TYR B 135 -8.05 22.06 -18.81
N THR B 136 -7.38 21.00 -18.38
CA THR B 136 -8.07 19.93 -17.70
C THR B 136 -8.16 20.24 -16.20
N LYS B 137 -9.36 20.59 -15.74
CA LYS B 137 -9.54 21.14 -14.40
C LYS B 137 -9.65 20.07 -13.31
N LEU B 138 -10.36 18.99 -13.63
CA LEU B 138 -10.64 17.92 -12.68
C LEU B 138 -10.20 16.58 -13.28
N VAL B 139 -9.49 15.79 -12.49
CA VAL B 139 -9.12 14.43 -12.82
C VAL B 139 -9.31 13.57 -11.58
N TYR B 140 -10.16 12.57 -11.67
CA TYR B 140 -10.38 11.61 -10.59
C TYR B 140 -10.47 10.19 -11.11
N ILE B 141 -9.94 9.26 -10.32
CA ILE B 141 -10.06 7.82 -10.62
C ILE B 141 -10.78 7.15 -9.45
N SER B 142 -11.60 6.16 -9.75
CA SER B 142 -12.30 5.41 -8.70
C SER B 142 -11.32 4.61 -7.84
N ARG B 143 -11.75 4.26 -6.64
CA ARG B 143 -10.91 3.49 -5.72
C ARG B 143 -10.46 2.16 -6.32
N GLU B 144 -11.34 1.49 -7.06
CA GLU B 144 -10.96 0.23 -7.67
C GLU B 144 -10.16 0.35 -8.98
N GLY B 145 -10.08 1.57 -9.51
CA GLY B 145 -9.19 1.85 -10.62
C GLY B 145 -9.76 1.45 -11.97
N THR B 146 -11.07 1.26 -12.03
CA THR B 146 -11.78 0.72 -13.18
C THR B 146 -12.47 1.82 -14.02
N VAL B 147 -12.57 3.00 -13.44
CA VAL B 147 -13.27 4.11 -14.10
C VAL B 147 -12.65 5.43 -13.62
N ALA B 148 -12.68 6.44 -14.48
CA ALA B 148 -12.17 7.76 -14.14
C ALA B 148 -13.04 8.84 -14.77
N ALA B 149 -12.87 10.08 -14.33
CA ALA B 149 -13.63 11.20 -14.88
C ALA B 149 -12.73 12.39 -15.00
N ILE B 150 -12.91 13.13 -16.09
CA ILE B 150 -12.20 14.38 -16.28
C ILE B 150 -13.17 15.47 -16.72
N ALA B 151 -12.81 16.70 -16.45
CA ALA B 151 -13.61 17.82 -16.92
C ALA B 151 -12.70 18.99 -17.21
N SER B 152 -12.93 19.66 -18.34
CA SER B 152 -12.10 20.81 -18.67
C SER B 152 -12.63 22.06 -17.97
N SER B 153 -11.89 23.15 -18.14
CA SER B 153 -12.24 24.43 -17.56
C SER B 153 -13.30 25.16 -18.39
N LYS B 154 -13.58 24.66 -19.59
CA LYS B 154 -14.55 25.31 -20.49
C LYS B 154 -15.96 25.28 -19.89
N VAL B 155 -16.67 26.41 -19.99
CA VAL B 155 -18.06 26.53 -19.56
C VAL B 155 -18.94 26.83 -20.77
N PRO B 156 -20.06 26.08 -20.96
CA PRO B 156 -20.56 24.97 -20.15
C PRO B 156 -19.62 23.77 -20.24
N ALA B 157 -19.55 23.02 -19.16
CA ALA B 157 -18.58 21.95 -19.04
C ALA B 157 -19.12 20.64 -19.58
N ILE B 158 -18.20 19.86 -20.12
CA ILE B 158 -18.43 18.48 -20.46
C ILE B 158 -17.62 17.65 -19.48
N MSE B 159 -18.28 16.69 -18.85
CA MSE B 159 -17.57 15.72 -18.01
C MSE B 159 -17.43 14.43 -18.79
O MSE B 159 -18.42 13.92 -19.33
CB MSE B 159 -18.33 15.46 -16.71
CG MSE B 159 -17.74 14.36 -15.83
SE MSE B 159 -18.72 14.05 -14.17
CE MSE B 159 -20.36 13.33 -14.95
N ARG B 160 -16.22 13.91 -18.90
CA ARG B 160 -16.01 12.66 -19.64
C ARG B 160 -15.72 11.54 -18.66
N ILE B 161 -16.46 10.45 -18.79
CA ILE B 161 -16.23 9.26 -18.01
C ILE B 161 -15.43 8.31 -18.87
N ILE B 162 -14.28 7.84 -18.35
CA ILE B 162 -13.28 7.16 -19.17
C ILE B 162 -12.82 5.88 -18.49
N ASP B 163 -12.22 4.99 -19.26
CA ASP B 163 -11.54 3.82 -18.73
C ASP B 163 -10.05 4.16 -18.57
N PRO B 164 -9.55 4.14 -17.33
CA PRO B 164 -8.15 4.57 -17.12
C PRO B 164 -7.11 3.55 -17.57
N SER B 165 -7.48 2.32 -17.88
CA SER B 165 -6.53 1.33 -18.38
C SER B 165 -6.01 1.71 -19.78
N ASP B 166 -6.95 1.98 -20.69
CA ASP B 166 -6.60 2.25 -22.08
C ASP B 166 -6.99 3.64 -22.59
N LEU B 167 -7.51 4.46 -21.69
CA LEU B 167 -7.92 5.84 -22.00
C LEU B 167 -8.97 5.90 -23.11
N THR B 168 -9.92 5.00 -23.02
CA THR B 168 -11.09 5.06 -23.88
C THR B 168 -12.21 5.82 -23.18
N GLU B 169 -13.02 6.54 -23.94
CA GLU B 169 -14.14 7.25 -23.36
C GLU B 169 -15.36 6.35 -23.27
N LYS B 170 -15.99 6.28 -22.11
CA LYS B 170 -17.22 5.50 -21.94
C LYS B 170 -18.41 6.34 -22.36
N PHE B 171 -18.46 7.56 -21.86
CA PHE B 171 -19.45 8.51 -22.35
C PHE B 171 -19.14 9.93 -21.93
N GLU B 172 -19.86 10.85 -22.53
CA GLU B 172 -19.68 12.26 -22.37
C GLU B 172 -20.96 12.80 -21.77
N ILE B 173 -20.83 13.65 -20.76
CA ILE B 173 -21.98 14.25 -20.09
C ILE B 173 -21.90 15.74 -20.30
N GLU B 174 -22.86 16.29 -21.05
CA GLU B 174 -22.94 17.72 -21.24
C GLU B 174 -23.67 18.35 -20.08
N THR B 175 -22.92 19.04 -19.22
CA THR B 175 -23.51 19.65 -18.04
C THR B 175 -24.07 21.02 -18.41
N ARG B 176 -24.88 21.61 -17.53
CA ARG B 176 -25.53 22.87 -17.89
C ARG B 176 -24.68 24.12 -17.65
N GLY B 177 -23.65 23.99 -16.82
CA GLY B 177 -22.83 25.13 -16.45
C GLY B 177 -21.41 24.78 -16.06
N GLU B 178 -20.91 25.39 -15.00
CA GLU B 178 -19.54 25.13 -14.58
C GLU B 178 -19.51 24.01 -13.54
N VAL B 179 -18.70 22.98 -13.80
CA VAL B 179 -18.53 21.89 -12.85
C VAL B 179 -17.46 22.32 -11.83
N LYS B 180 -17.85 22.39 -10.57
CA LYS B 180 -16.97 22.88 -9.52
C LYS B 180 -16.09 21.75 -8.99
N ASP B 181 -16.63 20.55 -8.91
CA ASP B 181 -15.92 19.39 -8.37
C ASP B 181 -16.74 18.14 -8.68
N LEU B 182 -16.13 16.98 -8.50
CA LEU B 182 -16.82 15.73 -8.67
C LEU B 182 -16.17 14.66 -7.81
N HIS B 183 -16.82 13.52 -7.63
CA HIS B 183 -16.20 12.42 -6.93
C HIS B 183 -16.94 11.11 -7.26
N PHE B 184 -16.24 9.99 -7.18
CA PHE B 184 -16.84 8.67 -7.35
C PHE B 184 -17.24 8.01 -6.05
N SER B 185 -18.31 7.22 -6.10
CA SER B 185 -18.58 6.26 -5.04
C SER B 185 -17.43 5.27 -4.95
N THR B 186 -17.24 4.67 -3.77
CA THR B 186 -16.14 3.73 -3.58
C THR B 186 -16.23 2.52 -4.49
N ASP B 187 -17.43 2.10 -4.87
CA ASP B 187 -17.58 0.99 -5.82
C ASP B 187 -17.46 1.41 -7.30
N GLY B 188 -17.28 2.71 -7.54
CA GLY B 188 -17.10 3.22 -8.88
C GLY B 188 -18.37 3.27 -9.72
N LYS B 189 -19.53 2.91 -9.17
CA LYS B 189 -20.76 2.79 -9.97
C LYS B 189 -21.50 4.12 -10.15
N VAL B 190 -21.15 5.10 -9.32
CA VAL B 190 -21.82 6.38 -9.31
C VAL B 190 -20.77 7.50 -9.34
N VAL B 191 -21.04 8.55 -10.10
CA VAL B 191 -20.26 9.78 -10.01
C VAL B 191 -21.19 10.93 -9.66
N ALA B 192 -20.78 11.73 -8.69
CA ALA B 192 -21.55 12.89 -8.29
C ALA B 192 -20.73 14.11 -8.62
N TYR B 193 -21.36 15.11 -9.22
CA TYR B 193 -20.71 16.38 -9.47
C TYR B 193 -21.56 17.53 -8.93
N ILE B 194 -20.90 18.66 -8.69
CA ILE B 194 -21.61 19.86 -8.29
C ILE B 194 -21.32 21.00 -9.23
N THR B 195 -22.35 21.83 -9.45
CA THR B 195 -22.16 23.16 -10.01
C THR B 195 -22.16 24.11 -8.80
N GLY B 196 -22.15 25.41 -9.04
CA GLY B 196 -22.27 26.36 -7.95
C GLY B 196 -23.58 26.28 -7.17
N SER B 197 -24.61 25.69 -7.78
CA SER B 197 -25.95 25.70 -7.18
C SER B 197 -26.67 24.34 -7.20
N SER B 198 -26.02 23.29 -7.66
CA SER B 198 -26.70 21.99 -7.71
C SER B 198 -25.77 20.80 -7.56
N LEU B 199 -26.39 19.69 -7.18
CA LEU B 199 -25.76 18.38 -7.06
C LEU B 199 -26.40 17.49 -8.13
N GLU B 200 -25.58 16.80 -8.90
CA GLU B 200 -26.03 15.94 -9.99
C GLU B 200 -25.37 14.59 -9.80
N VAL B 201 -26.14 13.51 -9.78
CA VAL B 201 -25.63 12.18 -9.54
C VAL B 201 -25.96 11.29 -10.75
N ILE B 202 -24.94 10.65 -11.31
CA ILE B 202 -25.01 9.92 -12.58
C ILE B 202 -24.44 8.51 -12.44
N SER B 203 -25.03 7.55 -13.12
CA SER B 203 -24.50 6.20 -13.17
C SER B 203 -23.28 6.13 -14.08
N THR B 204 -22.17 5.55 -13.59
CA THR B 204 -21.02 5.35 -14.48
C THR B 204 -21.18 4.13 -15.37
N VAL B 205 -22.25 3.37 -15.14
CA VAL B 205 -22.51 2.15 -15.88
C VAL B 205 -23.40 2.43 -17.09
N THR B 206 -24.45 3.23 -16.90
CA THR B 206 -25.39 3.54 -17.98
C THR B 206 -25.30 4.98 -18.48
N GLY B 207 -24.72 5.85 -17.67
CA GLY B 207 -24.71 7.28 -17.95
C GLY B 207 -26.02 7.96 -17.60
N SER B 208 -26.94 7.23 -16.98
CA SER B 208 -28.26 7.76 -16.66
C SER B 208 -28.27 8.62 -15.38
N CYS B 209 -29.21 9.55 -15.30
CA CYS B 209 -29.40 10.34 -14.09
C CYS B 209 -29.96 9.48 -12.98
N ILE B 210 -29.33 9.57 -11.81
CA ILE B 210 -29.80 8.88 -10.62
C ILE B 210 -30.62 9.81 -9.74
N ALA B 211 -30.07 10.97 -9.42
CA ALA B 211 -30.73 11.92 -8.54
C ALA B 211 -30.09 13.27 -8.71
N ARG B 212 -30.76 14.31 -8.27
CA ARG B 212 -30.22 15.66 -8.32
C ARG B 212 -30.87 16.53 -7.27
N LYS B 213 -30.18 17.60 -6.90
CA LYS B 213 -30.69 18.50 -5.88
C LYS B 213 -30.33 19.91 -6.30
N THR B 214 -31.32 20.79 -6.39
CA THR B 214 -31.07 22.17 -6.81
C THR B 214 -31.61 23.20 -5.81
N ASP B 215 -32.12 22.74 -4.67
CA ASP B 215 -32.77 23.64 -3.71
C ASP B 215 -31.92 23.95 -2.48
N PHE B 216 -30.65 24.30 -2.71
CA PHE B 216 -29.78 24.75 -1.63
C PHE B 216 -30.08 26.22 -1.34
N ASP B 217 -29.72 26.67 -0.13
CA ASP B 217 -29.76 28.10 0.21
C ASP B 217 -29.12 28.92 -0.90
N LYS B 218 -29.80 29.98 -1.35
CA LYS B 218 -29.28 30.78 -2.46
C LYS B 218 -28.03 31.58 -2.08
N ASN B 219 -27.75 31.65 -0.78
CA ASN B 219 -26.51 32.29 -0.31
C ASN B 219 -25.30 31.34 -0.28
N TRP B 220 -25.50 30.07 -0.62
CA TRP B 220 -24.38 29.13 -0.72
C TRP B 220 -23.84 29.02 -2.14
N SER B 221 -22.52 28.98 -2.27
CA SER B 221 -21.86 28.67 -3.52
C SER B 221 -21.18 27.33 -3.27
N LEU B 222 -21.71 26.26 -3.87
CA LEU B 222 -21.12 24.94 -3.66
C LEU B 222 -19.72 24.92 -4.21
N SER B 223 -18.81 24.27 -3.49
CA SER B 223 -17.39 24.34 -3.86
C SER B 223 -16.71 22.98 -4.03
N LYS B 224 -16.92 22.05 -3.11
CA LYS B 224 -16.24 20.75 -3.16
C LYS B 224 -17.18 19.61 -2.79
N ILE B 225 -16.91 18.43 -3.31
CA ILE B 225 -17.69 17.24 -2.97
C ILE B 225 -16.82 15.99 -2.83
N ASN B 226 -17.09 15.19 -1.80
CA ASN B 226 -16.47 13.89 -1.65
C ASN B 226 -17.46 12.90 -1.09
N PHE B 227 -17.37 11.65 -1.52
CA PHE B 227 -18.16 10.59 -0.87
C PHE B 227 -17.56 10.30 0.48
N ILE B 228 -18.41 10.06 1.48
CA ILE B 228 -17.94 9.73 2.82
C ILE B 228 -18.48 8.40 3.35
N ALA B 229 -19.49 7.86 2.68
CA ALA B 229 -20.03 6.53 2.98
C ALA B 229 -20.69 6.04 1.72
N ASP B 230 -21.16 4.79 1.70
CA ASP B 230 -21.65 4.13 0.48
C ASP B 230 -22.50 4.96 -0.53
N ASP B 231 -23.47 5.67 0.03
CA ASP B 231 -24.47 6.47 -0.68
C ASP B 231 -24.60 7.85 -0.01
N THR B 232 -23.50 8.34 0.54
CA THR B 232 -23.53 9.62 1.22
C THR B 232 -22.37 10.49 0.76
N VAL B 233 -22.68 11.74 0.42
CA VAL B 233 -21.66 12.71 0.04
C VAL B 233 -21.57 13.83 1.06
N LEU B 234 -20.37 14.41 1.12
CA LEU B 234 -20.06 15.60 1.89
C LEU B 234 -19.85 16.74 0.89
N ILE B 235 -20.61 17.82 1.03
CA ILE B 235 -20.45 18.98 0.18
C ILE B 235 -20.00 20.16 1.02
N ALA B 236 -18.97 20.85 0.57
CA ALA B 236 -18.55 22.11 1.17
C ALA B 236 -19.03 23.26 0.32
N ALA B 237 -19.60 24.28 0.96
CA ALA B 237 -20.07 25.48 0.31
C ALA B 237 -19.54 26.70 1.03
N SER B 238 -19.35 27.78 0.29
CA SER B 238 -19.00 29.08 0.88
C SER B 238 -20.20 30.01 0.88
N LEU B 239 -20.18 31.01 1.74
CA LEU B 239 -21.27 32.00 1.78
C LEU B 239 -20.97 33.12 0.81
N LYS B 240 -21.97 33.55 0.05
CA LYS B 240 -21.75 34.63 -0.91
C LYS B 240 -21.74 35.96 -0.19
N LYS B 241 -22.77 36.17 0.63
CA LYS B 241 -22.82 37.32 1.53
C LYS B 241 -22.43 36.87 2.92
N GLY B 242 -21.44 37.52 3.50
CA GLY B 242 -20.88 37.07 4.75
C GLY B 242 -19.72 36.14 4.47
N LYS B 243 -19.10 35.65 5.53
CA LYS B 243 -17.89 34.85 5.38
C LYS B 243 -18.10 33.55 6.14
N GLY B 244 -17.93 32.42 5.46
CA GLY B 244 -17.97 31.15 6.18
C GLY B 244 -18.02 29.96 5.25
N ILE B 245 -17.77 28.78 5.83
CA ILE B 245 -17.85 27.53 5.11
C ILE B 245 -18.85 26.63 5.79
N VAL B 246 -19.76 26.08 4.99
CA VAL B 246 -20.75 25.13 5.46
C VAL B 246 -20.43 23.75 4.90
N LEU B 247 -20.54 22.74 5.74
CA LEU B 247 -20.41 21.34 5.32
C LEU B 247 -21.75 20.67 5.47
N THR B 248 -22.17 19.95 4.45
CA THR B 248 -23.44 19.24 4.54
C THR B 248 -23.25 17.78 4.11
N LYS B 249 -23.89 16.85 4.82
CA LYS B 249 -23.91 15.43 4.49
C LYS B 249 -25.25 15.12 3.87
N ILE B 250 -25.23 14.58 2.65
CA ILE B 250 -26.46 14.30 1.89
C ILE B 250 -26.47 12.84 1.48
N SER B 251 -27.55 12.13 1.81
CA SER B 251 -27.73 10.77 1.35
C SER B 251 -28.39 10.76 -0.02
N ILE B 252 -27.99 9.77 -0.82
CA ILE B 252 -28.50 9.63 -2.17
C ILE B 252 -29.23 8.32 -2.34
N LYS B 253 -30.47 8.44 -2.83
CA LYS B 253 -31.30 7.31 -3.18
C LYS B 253 -31.69 7.46 -4.65
N SER B 254 -32.30 6.43 -5.20
CA SER B 254 -32.84 6.54 -6.54
C SER B 254 -33.92 7.63 -6.57
N GLY B 255 -33.66 8.66 -7.35
CA GLY B 255 -34.59 9.76 -7.52
C GLY B 255 -34.71 10.74 -6.37
N ASN B 256 -33.99 10.50 -5.26
CA ASN B 256 -34.17 11.30 -4.06
C ASN B 256 -32.85 11.57 -3.39
N THR B 257 -32.77 12.71 -2.72
CA THR B 257 -31.67 12.98 -1.79
C THR B 257 -32.25 13.40 -0.45
N SER B 258 -31.46 13.28 0.60
CA SER B 258 -31.87 13.74 1.91
C SER B 258 -30.71 14.40 2.59
N VAL B 259 -30.94 15.62 3.08
CA VAL B 259 -29.94 16.25 3.91
C VAL B 259 -29.92 15.61 5.29
N LEU B 260 -28.81 14.97 5.65
CA LEU B 260 -28.65 14.33 6.97
C LEU B 260 -28.29 15.32 8.04
N ARG B 261 -27.32 16.17 7.74
CA ARG B 261 -26.75 17.08 8.73
C ARG B 261 -26.02 18.20 8.00
N SER B 262 -26.10 19.42 8.51
CA SER B 262 -25.37 20.55 7.93
C SER B 262 -24.88 21.41 9.06
N LYS B 263 -23.70 21.99 8.90
CA LYS B 263 -23.14 22.88 9.91
C LYS B 263 -22.21 23.90 9.27
N GLN B 264 -22.34 25.15 9.68
CA GLN B 264 -21.29 26.13 9.39
C GLN B 264 -20.10 25.85 10.30
N VAL B 265 -19.01 25.39 9.70
CA VAL B 265 -17.86 24.94 10.49
C VAL B 265 -16.86 26.04 10.81
N THR B 266 -16.91 27.15 10.10
CA THR B 266 -16.08 28.29 10.43
C THR B 266 -16.63 29.55 9.80
N ASN B 267 -16.30 30.69 10.41
CA ASN B 267 -16.54 31.99 9.78
C ASN B 267 -15.21 32.68 9.45
N ARG B 268 -14.12 31.91 9.50
CA ARG B 268 -12.79 32.46 9.31
C ARG B 268 -12.27 32.37 7.87
N PHE B 269 -12.92 31.56 7.04
CA PHE B 269 -12.54 31.44 5.63
C PHE B 269 -13.65 31.98 4.73
N LYS B 270 -13.28 32.66 3.66
CA LYS B 270 -14.22 33.10 2.63
C LYS B 270 -14.49 32.02 1.60
N GLY B 271 -13.49 31.18 1.33
CA GLY B 271 -13.63 30.13 0.34
C GLY B 271 -12.56 29.08 0.55
N ILE B 272 -12.70 27.97 -0.15
CA ILE B 272 -11.69 26.91 -0.08
C ILE B 272 -11.23 26.51 -1.46
N THR B 273 -9.94 26.19 -1.56
CA THR B 273 -9.37 25.82 -2.85
C THR B 273 -9.31 24.31 -3.06
N SER B 274 -9.43 23.53 -2.00
CA SER B 274 -9.21 22.09 -2.11
C SER B 274 -9.78 21.41 -0.87
N MSE B 275 -10.21 20.17 -1.03
CA MSE B 275 -10.72 19.35 0.07
C MSE B 275 -10.35 17.91 -0.18
O MSE B 275 -10.33 17.46 -1.33
CB MSE B 275 -12.24 19.50 0.22
CG MSE B 275 -12.86 18.69 1.37
SE MSE B 275 -14.69 19.13 1.78
CE MSE B 275 -15.72 18.05 0.49
N ASP B 276 -10.08 17.17 0.88
CA ASP B 276 -9.98 15.72 0.76
C ASP B 276 -10.64 15.10 1.99
N VAL B 277 -11.06 13.84 1.85
CA VAL B 277 -11.61 13.07 2.97
C VAL B 277 -10.79 11.79 3.07
N ASP B 278 -10.52 11.32 4.29
CA ASP B 278 -9.68 10.12 4.41
C ASP B 278 -10.44 8.85 4.05
N MSE B 279 -9.69 7.77 3.87
CA MSE B 279 -10.28 6.51 3.42
C MSE B 279 -11.33 5.98 4.38
O MSE B 279 -12.26 5.28 3.98
CB MSE B 279 -9.19 5.46 3.23
CG MSE B 279 -8.20 5.83 2.15
SE MSE B 279 -7.44 4.24 1.38
CE MSE B 279 -7.42 3.16 3.01
N LYS B 280 -11.20 6.34 5.65
CA LYS B 280 -12.14 5.88 6.68
C LYS B 280 -13.41 6.71 6.74
N GLY B 281 -13.45 7.83 6.02
CA GLY B 281 -14.59 8.72 6.04
C GLY B 281 -14.79 9.46 7.37
N GLU B 282 -13.71 9.61 8.13
CA GLU B 282 -13.76 10.22 9.45
C GLU B 282 -13.15 11.64 9.51
N LEU B 283 -12.28 11.93 8.55
CA LEU B 283 -11.52 13.18 8.58
C LEU B 283 -11.65 13.88 7.25
N ALA B 284 -11.98 15.17 7.28
CA ALA B 284 -11.85 16.03 6.09
C ALA B 284 -10.77 17.06 6.34
N VAL B 285 -10.09 17.44 5.27
CA VAL B 285 -9.09 18.50 5.32
C VAL B 285 -9.44 19.55 4.28
N LEU B 286 -9.34 20.82 4.62
CA LEU B 286 -9.68 21.92 3.74
C LEU B 286 -8.46 22.83 3.58
N ALA B 287 -8.28 23.36 2.39
CA ALA B 287 -7.31 24.46 2.15
C ALA B 287 -8.12 25.72 1.87
N SER B 288 -7.84 26.80 2.60
CA SER B 288 -8.58 28.04 2.43
C SER B 288 -7.97 28.98 1.40
N ASN B 289 -8.75 29.95 0.96
CA ASN B 289 -8.28 30.97 0.04
C ASN B 289 -7.14 31.80 0.65
N ASP B 290 -7.10 31.90 1.98
CA ASP B 290 -6.07 32.71 2.66
C ASP B 290 -4.85 31.89 3.10
N ASN B 291 -4.75 30.69 2.56
CA ASN B 291 -3.56 29.85 2.65
C ASN B 291 -3.42 29.10 3.98
N SER B 292 -4.54 28.75 4.60
CA SER B 292 -4.57 27.91 5.80
C SER B 292 -4.96 26.48 5.43
N ILE B 293 -4.57 25.53 6.26
CA ILE B 293 -5.06 24.15 6.19
C ILE B 293 -5.88 23.88 7.44
N ALA B 294 -7.11 23.35 7.28
CA ALA B 294 -7.98 23.04 8.41
C ALA B 294 -8.30 21.57 8.48
N LEU B 295 -8.34 21.04 9.70
CA LEU B 295 -8.75 19.66 9.93
C LEU B 295 -10.16 19.67 10.46
N VAL B 296 -11.00 18.81 9.89
CA VAL B 296 -12.39 18.67 10.33
C VAL B 296 -12.68 17.22 10.73
N LYS B 297 -13.14 17.05 11.96
CA LYS B 297 -13.61 15.74 12.40
C LYS B 297 -15.07 15.59 11.98
N LEU B 298 -15.30 14.63 11.08
CA LEU B 298 -16.61 14.50 10.45
C LEU B 298 -17.69 13.98 11.40
N LYS B 299 -17.29 13.25 12.44
CA LYS B 299 -18.30 12.74 13.39
C LYS B 299 -19.01 13.86 14.13
N ASP B 300 -18.31 14.97 14.33
CA ASP B 300 -18.89 16.13 14.98
C ASP B 300 -19.09 17.32 14.05
N LEU B 301 -18.72 17.18 12.78
CA LEU B 301 -18.56 18.33 11.87
C LEU B 301 -17.90 19.52 12.57
N SER B 302 -16.76 19.26 13.18
CA SER B 302 -16.11 20.31 13.96
C SER B 302 -14.72 20.56 13.38
N MSE B 303 -14.42 21.82 13.14
CA MSE B 303 -13.07 22.20 12.72
C MSE B 303 -12.17 22.24 13.94
O MSE B 303 -12.26 23.14 14.77
CB MSE B 303 -13.11 23.56 12.05
CG MSE B 303 -11.77 23.92 11.42
SE MSE B 303 -11.89 25.54 10.35
CE MSE B 303 -12.86 24.79 8.91
N SER B 304 -11.31 21.25 14.05
CA SER B 304 -10.56 21.03 15.27
C SER B 304 -9.20 21.73 15.30
N LYS B 305 -8.72 22.17 14.14
CA LYS B 305 -7.38 22.75 14.05
C LYS B 305 -7.25 23.50 12.77
N ILE B 306 -6.62 24.68 12.85
CA ILE B 306 -6.27 25.46 11.67
C ILE B 306 -4.78 25.74 11.68
N PHE B 307 -4.09 25.41 10.58
CA PHE B 307 -2.69 25.75 10.37
C PHE B 307 -2.66 27.00 9.53
N LYS B 308 -2.43 28.15 10.15
CA LYS B 308 -2.42 29.41 9.44
C LYS B 308 -1.14 29.56 8.65
N GLN B 309 -1.21 30.22 7.50
CA GLN B 309 -0.03 30.49 6.69
C GLN B 309 0.77 29.23 6.40
N ALA B 310 0.10 28.15 6.07
CA ALA B 310 0.78 26.89 5.78
C ALA B 310 1.65 27.01 4.52
N HIS B 311 1.29 27.93 3.63
CA HIS B 311 2.08 28.29 2.46
C HIS B 311 2.01 29.80 2.30
N SER B 312 2.95 30.35 1.54
CA SER B 312 3.04 31.80 1.33
C SER B 312 2.11 32.29 0.22
N PHE B 313 1.66 31.39 -0.63
CA PHE B 313 0.82 31.75 -1.77
C PHE B 313 -0.22 30.65 -1.95
N ALA B 314 -1.06 30.81 -2.95
CA ALA B 314 -2.23 29.95 -3.13
C ALA B 314 -1.97 28.45 -2.98
N ILE B 315 -2.81 27.81 -2.18
CA ILE B 315 -2.75 26.36 -2.02
C ILE B 315 -3.56 25.73 -3.14
N THR B 316 -2.95 24.78 -3.84
CA THR B 316 -3.57 24.21 -5.01
C THR B 316 -4.18 22.84 -4.74
N GLU B 317 -3.66 22.09 -3.78
CA GLU B 317 -4.24 20.77 -3.49
C GLU B 317 -3.87 20.34 -2.09
N VAL B 318 -4.80 19.66 -1.43
CA VAL B 318 -4.54 19.01 -0.16
C VAL B 318 -4.93 17.55 -0.31
N THR B 319 -4.16 16.63 0.27
CA THR B 319 -4.36 15.19 0.13
C THR B 319 -3.97 14.47 1.44
N ILE B 320 -4.67 13.40 1.77
CA ILE B 320 -4.44 12.64 3.01
C ILE B 320 -3.89 11.27 2.66
N SER B 321 -2.91 10.79 3.44
CA SER B 321 -2.33 9.49 3.14
C SER B 321 -3.36 8.40 3.47
N PRO B 322 -3.20 7.24 2.83
CA PRO B 322 -4.25 6.23 2.96
C PRO B 322 -4.49 5.73 4.38
N ASP B 323 -3.48 5.77 5.24
CA ASP B 323 -3.63 5.38 6.65
C ASP B 323 -3.99 6.54 7.57
N SER B 324 -4.22 7.72 7.00
CA SER B 324 -4.51 8.94 7.76
C SER B 324 -3.39 9.46 8.69
N THR B 325 -2.16 9.08 8.39
CA THR B 325 -1.02 9.54 9.17
C THR B 325 -0.58 10.95 8.73
N TYR B 326 -0.62 11.21 7.44
CA TYR B 326 -0.11 12.48 6.90
C TYR B 326 -1.14 13.25 6.11
N VAL B 327 -1.09 14.56 6.28
CA VAL B 327 -1.80 15.49 5.42
C VAL B 327 -0.75 16.28 4.64
N ALA B 328 -0.84 16.25 3.31
CA ALA B 328 0.08 17.02 2.46
C ALA B 328 -0.67 18.08 1.71
N SER B 329 -0.09 19.25 1.57
CA SER B 329 -0.63 20.27 0.71
C SER B 329 0.47 20.87 -0.11
N VAL B 330 0.11 21.36 -1.30
CA VAL B 330 1.06 21.96 -2.19
C VAL B 330 0.57 23.30 -2.69
N SER B 331 1.49 24.11 -3.22
CA SER B 331 1.20 25.50 -3.50
C SER B 331 1.92 25.98 -4.75
N ALA B 332 1.30 26.99 -5.36
CA ALA B 332 1.95 27.78 -6.39
C ALA B 332 3.26 28.42 -5.92
N ALA B 333 3.48 28.46 -4.60
CA ALA B 333 4.70 29.03 -4.03
C ALA B 333 5.89 28.10 -4.25
N ASN B 334 5.62 26.88 -4.73
CA ASN B 334 6.60 25.78 -4.94
C ASN B 334 6.64 24.83 -3.75
N THR B 335 5.87 25.13 -2.72
CA THR B 335 6.06 24.42 -1.46
C THR B 335 5.14 23.23 -1.22
N ILE B 336 5.65 22.29 -0.44
CA ILE B 336 4.94 21.16 0.09
C ILE B 336 4.92 21.32 1.60
N HIS B 337 3.75 21.20 2.21
CA HIS B 337 3.58 21.24 3.66
C HIS B 337 3.04 19.89 4.11
N ILE B 338 3.66 19.29 5.12
CA ILE B 338 3.25 17.99 5.65
C ILE B 338 2.86 18.15 7.11
N ILE B 339 1.71 17.60 7.50
CA ILE B 339 1.28 17.50 8.89
C ILE B 339 1.21 16.04 9.25
N LYS B 340 1.79 15.66 10.39
CA LYS B 340 1.60 14.30 10.92
C LYS B 340 0.48 14.30 11.95
N LEU B 341 -0.47 13.39 11.78
CA LEU B 341 -1.59 13.29 12.70
C LEU B 341 -1.40 12.16 13.70
N PRO B 342 -1.90 12.38 14.92
CA PRO B 342 -1.93 11.29 15.90
C PRO B 342 -2.76 10.11 15.42
N LEU B 343 -2.44 8.92 15.92
CA LEU B 343 -3.23 7.73 15.63
C LEU B 343 -4.70 7.94 16.00
N ASN B 344 -5.58 7.65 15.05
CA ASN B 344 -7.03 7.77 15.26
C ASN B 344 -7.48 9.17 15.69
N TYR B 345 -6.73 10.17 15.26
CA TYR B 345 -7.06 11.55 15.55
C TYR B 345 -8.53 11.91 15.37
N ALA B 346 -9.13 11.47 14.27
CA ALA B 346 -10.47 11.94 13.94
C ALA B 346 -11.59 11.44 14.87
N ASN B 347 -11.23 10.64 15.88
CA ASN B 347 -12.22 10.12 16.84
C ASN B 347 -12.03 10.68 18.25
K K C . 6.82 -30.14 -13.00
K K D . 10.54 -14.86 11.17
K K E . 9.25 26.24 -18.82
K K F . -13.69 15.62 -5.06
#